data_8TH2
#
_entry.id   8TH2
#
_cell.length_a   98.138
_cell.length_b   162.183
_cell.length_c   232.242
_cell.angle_alpha   90.00
_cell.angle_beta   90.00
_cell.angle_gamma   90.00
#
_symmetry.space_group_name_H-M   'I 2 2 2'
#
loop_
_entity.id
_entity.type
_entity.pdbx_description
1 polymer 'Dirigent protein'
2 water water
#
_entity_poly.entity_id   1
_entity_poly.type   'polypeptide(L)'
_entity_poly.pdbx_seq_one_letter_code
;MSNSKTFLSLTFFTTFLFFSFVNATYYQDISPSFLGFKQEKLTHIHFFLHDIVTGPKPTMIIASESPLNGKSESPLPFGS
IVVLEDPLTVGPELNSELIGKAQGFYVTVSQAAVLELELVMGMTFVFTGGKYNGSTLSVLGRNEIISPIREMPIIGGTGE
FRFARGFLQAKSHAVDYHEGDAHVEYNVYVFHYPSTSSSSEDFEEGSRFMKEPIFGQI
;
_entity_poly.pdbx_strand_id   A,B,C,D,E,F
#
# COMPACT_ATOMS: atom_id res chain seq x y z
N THR A 25 -15.51 -19.63 -16.41
CA THR A 25 -16.39 -20.79 -16.35
C THR A 25 -16.56 -21.25 -14.89
N TYR A 26 -15.45 -21.41 -14.17
CA TYR A 26 -15.46 -21.77 -12.75
C TYR A 26 -14.79 -20.72 -11.85
N TYR A 27 -14.53 -19.51 -12.37
CA TYR A 27 -13.81 -18.46 -11.65
C TYR A 27 -14.33 -17.09 -12.07
N GLN A 28 -14.32 -16.13 -11.14
CA GLN A 28 -14.64 -14.75 -11.48
C GLN A 28 -13.84 -13.81 -10.59
N ASP A 29 -13.27 -12.78 -11.20
CA ASP A 29 -12.54 -11.76 -10.42
C ASP A 29 -13.62 -10.85 -9.83
N ILE A 30 -13.69 -10.77 -8.51
CA ILE A 30 -14.78 -9.99 -7.89
C ILE A 30 -14.20 -8.71 -7.28
N SER A 31 -15.02 -7.97 -6.54
CA SER A 31 -14.57 -6.68 -5.95
C SER A 31 -14.15 -6.90 -4.51
N PRO A 32 -13.01 -6.34 -4.09
CA PRO A 32 -12.55 -6.50 -2.73
C PRO A 32 -13.59 -6.01 -1.73
N SER A 33 -14.59 -5.28 -2.20
CA SER A 33 -15.65 -4.74 -1.32
C SER A 33 -16.40 -5.93 -0.74
N PHE A 34 -16.35 -7.04 -1.46
CA PHE A 34 -17.00 -8.27 -0.99
C PHE A 34 -16.50 -8.64 0.40
N LEU A 35 -15.20 -8.70 0.57
CA LEU A 35 -14.58 -8.91 1.87
C LEU A 35 -14.41 -7.61 2.65
N GLY A 36 -15.05 -6.53 2.22
CA GLY A 36 -15.11 -5.30 2.98
C GLY A 36 -13.90 -4.40 2.87
N PHE A 37 -13.10 -4.54 1.81
CA PHE A 37 -11.96 -3.67 1.55
C PHE A 37 -12.42 -2.54 0.64
N LYS A 38 -11.74 -1.40 0.72
CA LYS A 38 -12.12 -0.20 -0.02
C LYS A 38 -11.01 0.06 -1.03
N GLN A 39 -11.04 -0.67 -2.14
CA GLN A 39 -9.95 -0.58 -3.11
C GLN A 39 -9.98 0.76 -3.80
N GLU A 40 -8.81 1.24 -4.17
CA GLU A 40 -8.80 2.46 -4.97
C GLU A 40 -9.03 2.13 -6.43
N LYS A 41 -9.77 3.02 -7.10
CA LYS A 41 -10.15 2.88 -8.49
C LYS A 41 -9.49 4.00 -9.28
N LEU A 42 -9.24 3.74 -10.55
CA LEU A 42 -8.74 4.77 -11.46
C LEU A 42 -9.89 5.18 -12.37
N THR A 43 -10.10 6.48 -12.50
CA THR A 43 -11.25 7.00 -13.24
C THR A 43 -10.78 7.97 -14.31
N HIS A 44 -11.21 7.72 -15.54
CA HIS A 44 -10.91 8.63 -16.67
C HIS A 44 -12.16 9.47 -16.94
N ILE A 45 -12.02 10.79 -16.81
CA ILE A 45 -13.14 11.73 -17.08
C ILE A 45 -12.81 12.53 -18.34
N HIS A 46 -13.77 12.68 -19.25
CA HIS A 46 -13.57 13.50 -20.48
C HIS A 46 -14.65 14.58 -20.57
N PHE A 47 -14.24 15.81 -20.89
CA PHE A 47 -15.18 16.91 -21.03
C PHE A 47 -14.46 18.08 -21.70
N PHE A 48 -15.24 19.13 -21.99
CA PHE A 48 -14.73 20.32 -22.66
C PHE A 48 -15.03 21.54 -21.79
N LEU A 49 -14.02 22.38 -21.61
CA LEU A 49 -14.12 23.66 -20.94
C LEU A 49 -14.33 24.76 -21.96
N HIS A 50 -15.27 25.66 -21.71
CA HIS A 50 -15.53 26.80 -22.58
C HIS A 50 -15.16 28.07 -21.81
N ASP A 51 -13.96 28.60 -22.04
CA ASP A 51 -13.64 29.96 -21.60
C ASP A 51 -14.21 30.90 -22.67
N ILE A 52 -15.20 31.69 -22.29
CA ILE A 52 -15.92 32.56 -23.22
C ILE A 52 -15.64 34.01 -22.85
N VAL A 53 -14.99 34.73 -23.75
CA VAL A 53 -14.62 36.10 -23.45
C VAL A 53 -15.53 37.10 -24.16
N THR A 54 -16.21 36.71 -25.22
CA THR A 54 -17.13 37.60 -25.92
C THR A 54 -18.54 37.01 -25.94
N GLY A 55 -19.51 37.85 -25.61
CA GLY A 55 -20.88 37.47 -25.50
C GLY A 55 -21.55 38.56 -24.69
N PRO A 56 -22.88 38.61 -24.71
CA PRO A 56 -23.61 39.55 -23.83
C PRO A 56 -23.04 39.55 -22.42
N LYS A 57 -22.94 38.37 -21.84
CA LYS A 57 -22.22 38.18 -20.58
C LYS A 57 -21.27 37.00 -20.79
N PRO A 58 -19.99 37.18 -20.56
CA PRO A 58 -19.04 36.08 -20.78
C PRO A 58 -18.85 35.26 -19.51
N THR A 59 -17.86 34.37 -19.48
CA THR A 59 -17.63 33.49 -18.34
C THR A 59 -16.44 33.87 -17.47
N MET A 60 -15.40 34.49 -18.01
CA MET A 60 -14.28 34.91 -17.18
C MET A 60 -14.13 36.43 -17.20
N ILE A 61 -13.61 37.00 -16.11
CA ILE A 61 -13.37 38.43 -16.06
C ILE A 61 -12.01 38.70 -15.41
N ILE A 62 -11.44 39.85 -15.77
CA ILE A 62 -10.21 40.33 -15.15
C ILE A 62 -10.54 40.78 -13.73
N ALA A 63 -10.12 40.01 -12.73
CA ALA A 63 -10.41 40.46 -11.36
C ALA A 63 -9.56 41.66 -10.96
N SER A 64 -8.35 41.75 -11.50
CA SER A 64 -7.48 42.89 -11.20
C SER A 64 -6.49 42.96 -12.34
N GLU A 65 -6.45 44.09 -13.03
CA GLU A 65 -5.59 44.14 -14.22
C GLU A 65 -4.15 44.43 -13.83
N SER A 66 -3.26 44.10 -14.76
CA SER A 66 -1.83 44.04 -14.45
C SER A 66 -1.25 45.45 -14.36
N PRO A 67 -0.42 45.72 -13.34
CA PRO A 67 0.18 47.06 -13.21
C PRO A 67 0.88 47.54 -14.45
N LEU A 68 1.41 46.64 -15.29
CA LEU A 68 2.00 47.04 -16.55
C LEU A 68 1.02 47.01 -17.69
N ASN A 69 -0.27 47.27 -17.41
CA ASN A 69 -1.26 47.37 -18.48
C ASN A 69 -0.80 48.34 -19.57
N GLY A 70 -0.45 49.58 -19.18
CA GLY A 70 0.00 50.55 -20.15
C GLY A 70 1.23 50.13 -20.94
N LYS A 71 2.25 49.58 -20.28
CA LYS A 71 3.54 49.31 -20.97
C LYS A 71 3.58 48.01 -21.79
N SER A 72 3.00 46.92 -21.31
CA SER A 72 3.17 45.63 -22.03
C SER A 72 2.47 45.62 -23.38
N GLU A 73 2.90 44.76 -24.29
CA GLU A 73 2.23 44.60 -25.60
C GLU A 73 1.25 43.45 -25.50
N SER A 74 1.19 42.80 -24.34
CA SER A 74 0.33 41.60 -24.17
C SER A 74 -1.09 42.00 -23.84
N PRO A 75 -2.09 41.23 -24.32
CA PRO A 75 -3.46 41.48 -23.92
C PRO A 75 -3.62 41.14 -22.43
N LEU A 76 -2.75 40.28 -21.88
CA LEU A 76 -2.81 39.95 -20.45
C LEU A 76 -1.42 40.03 -19.82
N PRO A 77 -0.96 41.24 -19.49
CA PRO A 77 0.40 41.41 -18.97
C PRO A 77 0.68 40.59 -17.73
N PHE A 78 1.97 40.35 -17.50
CA PHE A 78 2.47 39.71 -16.30
C PHE A 78 1.78 40.24 -15.06
N GLY A 79 1.17 39.34 -14.29
CA GLY A 79 0.53 39.72 -13.06
C GLY A 79 -0.92 40.14 -13.20
N SER A 80 -1.60 39.70 -14.26
CA SER A 80 -3.05 39.83 -14.31
C SER A 80 -3.68 38.73 -13.48
N ILE A 81 -4.82 39.03 -12.88
CA ILE A 81 -5.60 38.03 -12.16
C ILE A 81 -6.94 37.89 -12.85
N VAL A 82 -7.24 36.69 -13.32
CA VAL A 82 -8.52 36.40 -13.96
C VAL A 82 -9.27 35.39 -13.10
N VAL A 83 -10.58 35.60 -12.89
CA VAL A 83 -11.45 34.59 -12.27
C VAL A 83 -12.44 34.09 -13.31
N LEU A 84 -12.94 32.87 -13.10
CA LEU A 84 -13.63 32.18 -14.18
C LEU A 84 -14.64 31.20 -13.62
N GLU A 85 -15.76 31.03 -14.37
CA GLU A 85 -16.81 30.02 -14.06
C GLU A 85 -17.25 29.43 -15.40
N ASP A 86 -16.42 28.55 -15.95
CA ASP A 86 -16.60 27.95 -17.26
C ASP A 86 -17.45 26.69 -17.16
N PRO A 87 -18.35 26.49 -18.10
CA PRO A 87 -19.18 25.29 -18.08
C PRO A 87 -18.40 24.13 -18.68
N LEU A 88 -18.77 22.93 -18.26
CA LEU A 88 -18.13 21.70 -18.71
C LEU A 88 -19.17 20.86 -19.42
N THR A 89 -18.94 20.61 -20.70
CA THR A 89 -19.87 19.91 -21.58
C THR A 89 -19.30 18.55 -21.94
N VAL A 90 -20.18 17.65 -22.39
CA VAL A 90 -19.78 16.29 -22.75
C VAL A 90 -19.00 16.29 -24.06
N GLY A 91 -19.36 17.18 -24.99
CA GLY A 91 -18.70 17.26 -26.28
C GLY A 91 -18.36 18.70 -26.59
N PRO A 92 -17.67 18.93 -27.71
CA PRO A 92 -17.07 20.26 -27.94
C PRO A 92 -18.06 21.37 -28.25
N GLU A 93 -19.27 21.04 -28.69
CA GLU A 93 -20.27 22.06 -28.94
C GLU A 93 -20.74 22.65 -27.61
N LEU A 94 -20.92 23.98 -27.56
CA LEU A 94 -21.28 24.63 -26.32
C LEU A 94 -22.57 24.05 -25.73
N ASN A 95 -23.52 23.79 -26.60
CA ASN A 95 -24.83 23.31 -26.10
C ASN A 95 -24.78 21.79 -26.02
N SER A 96 -23.62 21.25 -25.71
CA SER A 96 -23.54 19.79 -25.49
C SER A 96 -24.01 19.56 -24.06
N GLU A 97 -24.05 18.30 -23.62
CA GLU A 97 -24.63 18.03 -22.28
C GLU A 97 -23.76 18.60 -21.16
N LEU A 98 -24.27 19.59 -20.42
CA LEU A 98 -23.56 20.12 -19.26
C LEU A 98 -23.33 19.00 -18.24
N ILE A 99 -22.14 18.99 -17.65
CA ILE A 99 -21.82 18.03 -16.62
C ILE A 99 -21.18 18.72 -15.41
N GLY A 100 -20.74 19.97 -15.59
CA GLY A 100 -20.19 20.69 -14.46
C GLY A 100 -19.66 22.06 -14.83
N LYS A 101 -19.32 22.81 -13.78
CA LYS A 101 -18.59 24.06 -13.87
C LYS A 101 -17.12 23.82 -13.55
N ALA A 102 -16.27 24.71 -14.04
CA ALA A 102 -14.93 24.89 -13.50
C ALA A 102 -14.86 26.30 -12.93
N GLN A 103 -14.69 26.43 -11.62
CA GLN A 103 -14.61 27.74 -11.00
C GLN A 103 -13.21 27.98 -10.45
N GLY A 104 -12.81 29.23 -10.45
CA GLY A 104 -11.55 29.60 -9.84
C GLY A 104 -10.90 30.77 -10.57
N PHE A 105 -9.57 30.72 -10.64
CA PHE A 105 -8.79 31.87 -11.06
C PHE A 105 -7.48 31.44 -11.70
N TYR A 106 -7.02 32.22 -12.66
CA TYR A 106 -5.63 32.08 -13.10
C TYR A 106 -4.92 33.40 -12.99
N VAL A 107 -3.60 33.32 -13.14
CA VAL A 107 -2.69 34.43 -12.89
C VAL A 107 -1.56 34.33 -13.91
N THR A 108 -1.24 35.45 -14.56
CA THR A 108 -0.27 35.50 -15.63
C THR A 108 1.16 35.56 -15.10
N VAL A 109 2.01 34.60 -15.48
CA VAL A 109 3.28 34.43 -14.78
C VAL A 109 4.49 34.39 -15.70
N SER A 110 4.36 34.81 -16.96
CA SER A 110 5.50 34.89 -17.86
C SER A 110 5.76 36.36 -18.19
N GLN A 111 6.90 36.87 -17.69
CA GLN A 111 7.26 38.27 -17.91
C GLN A 111 7.55 38.56 -19.38
N ALA A 112 8.05 37.56 -20.10
CA ALA A 112 8.41 37.73 -21.49
C ALA A 112 7.22 37.52 -22.42
N ALA A 113 6.26 36.69 -22.00
CA ALA A 113 5.16 36.34 -22.88
C ALA A 113 4.44 37.60 -23.37
N VAL A 114 4.01 37.57 -24.64
CA VAL A 114 3.16 38.66 -25.19
C VAL A 114 1.84 37.99 -25.58
N LEU A 115 1.91 36.99 -26.47
CA LEU A 115 0.70 36.22 -26.84
C LEU A 115 0.84 34.79 -26.29
N GLU A 116 1.92 34.08 -26.64
CA GLU A 116 2.19 32.73 -26.08
C GLU A 116 2.30 32.87 -24.56
N LEU A 117 1.17 32.94 -23.87
CA LEU A 117 1.19 33.27 -22.42
C LEU A 117 1.23 32.03 -21.51
N GLU A 118 1.76 32.22 -20.30
CA GLU A 118 1.89 31.13 -19.32
C GLU A 118 1.06 31.48 -18.10
N LEU A 119 0.31 30.51 -17.58
CA LEU A 119 -0.56 30.74 -16.43
C LEU A 119 -0.31 29.71 -15.34
N VAL A 120 -0.41 30.17 -14.09
CA VAL A 120 -0.68 29.30 -12.96
C VAL A 120 -2.18 29.40 -12.71
N MET A 121 -2.82 28.27 -12.47
CA MET A 121 -4.27 28.17 -12.44
C MET A 121 -4.68 27.51 -11.14
N GLY A 122 -5.64 28.11 -10.44
CA GLY A 122 -6.21 27.44 -9.29
C GLY A 122 -7.71 27.32 -9.44
N MET A 123 -8.19 26.21 -9.99
CA MET A 123 -9.60 26.02 -10.24
C MET A 123 -10.03 24.73 -9.57
N THR A 124 -11.32 24.66 -9.21
CA THR A 124 -11.94 23.39 -8.88
C THR A 124 -13.03 23.06 -9.89
N PHE A 125 -13.18 21.78 -10.21
CA PHE A 125 -14.30 21.30 -11.00
C PHE A 125 -15.38 20.82 -10.07
N VAL A 126 -16.62 21.20 -10.35
CA VAL A 126 -17.78 20.65 -9.67
C VAL A 126 -18.67 19.97 -10.69
N PHE A 127 -19.03 18.72 -10.42
CA PHE A 127 -19.74 17.93 -11.40
C PHE A 127 -21.22 17.83 -11.02
N THR A 128 -22.05 17.79 -12.04
CA THR A 128 -23.45 17.41 -11.88
C THR A 128 -23.81 16.43 -12.97
N GLY A 129 -24.09 15.20 -12.58
CA GLY A 129 -24.49 14.18 -13.52
C GLY A 129 -23.89 12.83 -13.22
N GLY A 130 -24.63 11.97 -12.55
CA GLY A 130 -24.26 10.58 -12.39
C GLY A 130 -23.53 10.32 -11.09
N LYS A 131 -22.75 9.22 -11.10
CA LYS A 131 -21.98 8.77 -9.95
C LYS A 131 -21.37 9.97 -9.22
N TYR A 132 -20.87 10.94 -10.01
CA TYR A 132 -20.09 12.06 -9.52
C TYR A 132 -20.87 13.36 -9.46
N ASN A 133 -22.20 13.29 -9.56
CA ASN A 133 -23.03 14.42 -9.17
C ASN A 133 -22.69 14.88 -7.76
N GLY A 134 -22.22 16.11 -7.63
CA GLY A 134 -21.83 16.66 -6.34
C GLY A 134 -20.35 16.57 -6.04
N SER A 135 -19.61 15.69 -6.72
CA SER A 135 -18.20 15.52 -6.41
C SER A 135 -17.35 16.57 -7.12
N THR A 136 -16.31 17.02 -6.43
CA THR A 136 -15.43 18.07 -6.96
C THR A 136 -13.97 17.65 -6.91
N LEU A 137 -13.21 18.05 -7.92
CA LEU A 137 -11.77 17.91 -7.98
C LEU A 137 -11.12 19.28 -7.92
N SER A 138 -9.93 19.35 -7.30
CA SER A 138 -9.19 20.60 -7.22
C SER A 138 -7.91 20.48 -8.05
N VAL A 139 -7.49 21.62 -8.60
CA VAL A 139 -6.30 21.71 -9.43
C VAL A 139 -5.50 22.96 -9.08
N LEU A 140 -4.18 22.84 -9.10
CA LEU A 140 -3.26 23.98 -9.10
C LEU A 140 -2.08 23.60 -9.98
N GLY A 141 -1.96 24.25 -11.14
CA GLY A 141 -0.93 23.79 -12.05
C GLY A 141 -0.53 24.88 -13.03
N ARG A 142 0.46 24.54 -13.87
CA ARG A 142 1.09 25.50 -14.76
C ARG A 142 0.65 25.18 -16.18
N ASN A 143 0.01 26.15 -16.82
CA ASN A 143 -0.57 26.00 -18.16
C ASN A 143 0.13 26.99 -19.08
N GLU A 144 0.89 26.49 -20.06
CA GLU A 144 1.50 27.37 -21.06
C GLU A 144 0.71 27.19 -22.36
N ILE A 145 -0.15 28.18 -22.66
CA ILE A 145 -1.29 28.01 -23.58
C ILE A 145 -0.84 27.55 -24.97
N ILE A 146 0.37 27.91 -25.39
CA ILE A 146 0.77 27.60 -26.75
C ILE A 146 1.04 26.12 -26.93
N SER A 147 1.26 25.40 -25.83
CA SER A 147 1.56 23.98 -25.88
C SER A 147 0.38 23.19 -26.46
N PRO A 148 0.65 22.12 -27.21
CA PRO A 148 -0.46 21.33 -27.76
C PRO A 148 -1.19 20.56 -26.69
N ILE A 149 -0.44 19.93 -25.78
CA ILE A 149 -0.95 19.21 -24.62
C ILE A 149 -0.43 19.89 -23.37
N ARG A 150 -1.33 20.16 -22.42
CA ARG A 150 -0.94 20.87 -21.21
C ARG A 150 -1.39 20.07 -19.99
N GLU A 151 -0.44 19.82 -19.08
CA GLU A 151 -0.65 18.91 -17.97
C GLU A 151 -0.62 19.65 -16.63
N MET A 152 -1.70 19.54 -15.87
CA MET A 152 -1.79 20.02 -14.50
C MET A 152 -2.20 18.89 -13.57
N PRO A 153 -1.85 19.00 -12.29
CA PRO A 153 -2.08 17.88 -11.37
C PRO A 153 -3.43 17.97 -10.69
N ILE A 154 -4.04 16.80 -10.48
CA ILE A 154 -5.23 16.72 -9.64
C ILE A 154 -4.77 16.68 -8.19
N ILE A 155 -4.98 17.80 -7.49
CA ILE A 155 -4.57 18.08 -6.13
C ILE A 155 -5.28 17.25 -5.07
N GLY A 156 -6.54 16.90 -5.31
CA GLY A 156 -7.39 16.35 -4.28
C GLY A 156 -8.85 16.60 -4.61
N GLY A 157 -9.72 16.04 -3.78
CA GLY A 157 -11.13 16.18 -4.12
C GLY A 157 -12.08 15.82 -2.98
N THR A 158 -13.37 15.93 -3.30
CA THR A 158 -14.47 15.81 -2.36
C THR A 158 -15.52 14.85 -2.93
N GLY A 159 -16.43 14.40 -2.05
CA GLY A 159 -17.47 13.50 -2.49
C GLY A 159 -16.88 12.14 -2.84
N GLU A 160 -17.25 11.62 -4.01
CA GLU A 160 -16.65 10.37 -4.47
C GLU A 160 -15.15 10.53 -4.71
N PHE A 161 -14.72 11.75 -5.07
CA PHE A 161 -13.32 12.02 -5.36
C PHE A 161 -12.48 12.37 -4.11
N ARG A 162 -12.96 12.01 -2.92
CA ARG A 162 -12.14 12.13 -1.72
C ARG A 162 -10.85 11.34 -1.84
N PHE A 163 -9.76 11.93 -1.35
CA PHE A 163 -8.43 11.35 -1.38
C PHE A 163 -7.83 11.28 -2.78
N ALA A 164 -8.34 12.12 -3.68
CA ALA A 164 -7.92 12.13 -5.08
C ALA A 164 -6.42 12.34 -5.23
N ARG A 165 -5.87 11.60 -6.19
CA ARG A 165 -4.46 11.71 -6.55
C ARG A 165 -4.51 11.55 -8.08
N GLY A 166 -3.94 12.48 -8.83
CA GLY A 166 -3.98 12.35 -10.27
C GLY A 166 -3.48 13.60 -10.97
N PHE A 167 -3.72 13.61 -12.28
CA PHE A 167 -3.31 14.69 -13.17
C PHE A 167 -4.43 14.91 -14.18
N LEU A 168 -4.26 15.92 -15.05
CA LEU A 168 -5.17 16.15 -16.16
C LEU A 168 -4.38 16.57 -17.39
N GLN A 169 -5.07 16.61 -18.54
CA GLN A 169 -4.41 16.91 -19.81
C GLN A 169 -5.36 17.70 -20.71
N ALA A 170 -5.01 18.96 -21.01
CA ALA A 170 -5.85 19.83 -21.83
C ALA A 170 -5.20 20.11 -23.18
N LYS A 171 -5.94 19.80 -24.26
CA LYS A 171 -5.54 20.07 -25.64
C LYS A 171 -6.33 21.27 -26.17
N SER A 172 -5.66 22.12 -26.94
CA SER A 172 -6.38 23.19 -27.66
C SER A 172 -5.67 23.58 -28.95
N ALA A 182 -14.16 29.98 -27.68
CA ALA A 182 -13.11 29.03 -27.29
C ALA A 182 -13.66 27.79 -26.57
N HIS A 183 -12.94 26.67 -26.68
CA HIS A 183 -13.29 25.45 -25.96
C HIS A 183 -12.15 24.43 -25.98
N VAL A 184 -11.77 23.96 -24.78
CA VAL A 184 -10.58 23.15 -24.56
C VAL A 184 -11.00 21.73 -24.22
N GLU A 185 -10.33 20.75 -24.84
CA GLU A 185 -10.62 19.35 -24.55
C GLU A 185 -9.89 18.95 -23.28
N TYR A 186 -10.58 18.30 -22.36
CA TYR A 186 -9.99 17.92 -21.09
C TYR A 186 -9.99 16.41 -20.93
N ASN A 187 -8.88 15.88 -20.39
CA ASN A 187 -8.73 14.46 -20.10
C ASN A 187 -8.19 14.33 -18.68
N VAL A 188 -9.00 13.80 -17.79
CA VAL A 188 -8.69 13.74 -16.36
C VAL A 188 -8.51 12.29 -15.97
N TYR A 189 -7.41 11.98 -15.26
CA TYR A 189 -7.16 10.67 -14.67
C TYR A 189 -6.92 10.85 -13.17
N VAL A 190 -7.73 10.22 -12.34
CA VAL A 190 -7.64 10.45 -10.90
C VAL A 190 -7.90 9.16 -10.13
N PHE A 191 -7.07 8.89 -9.12
CA PHE A 191 -7.27 7.77 -8.21
C PHE A 191 -8.10 8.20 -7.00
N HIS A 192 -9.06 7.37 -6.60
CA HIS A 192 -9.99 7.63 -5.50
C HIS A 192 -10.64 6.32 -5.06
N TYR A 193 -11.81 6.40 -4.39
CA TYR A 193 -12.50 5.18 -3.91
C TYR A 193 -14.00 5.11 -4.24
N ASN B 23 -11.12 -13.58 32.15
CA ASN B 23 -10.25 -14.20 31.13
C ASN B 23 -8.86 -13.56 31.17
N ALA B 24 -7.82 -14.37 31.01
CA ALA B 24 -6.46 -13.82 30.91
C ALA B 24 -6.17 -13.73 29.42
N THR B 25 -5.92 -12.54 28.88
CA THR B 25 -5.83 -12.43 27.44
C THR B 25 -4.39 -12.56 26.99
N TYR B 26 -4.17 -13.52 26.10
CA TYR B 26 -2.90 -13.93 25.54
C TYR B 26 -2.50 -13.11 24.31
N TYR B 27 -3.25 -12.08 23.96
CA TYR B 27 -2.97 -11.35 22.74
C TYR B 27 -3.17 -9.87 22.95
N GLN B 28 -2.69 -9.11 21.99
CA GLN B 28 -2.56 -7.66 22.10
C GLN B 28 -2.28 -7.13 20.71
N ASP B 29 -2.81 -5.97 20.38
CA ASP B 29 -2.45 -5.34 19.11
C ASP B 29 -1.38 -4.29 19.37
N ILE B 30 -0.34 -4.29 18.55
CA ILE B 30 0.77 -3.36 18.69
C ILE B 30 0.68 -2.32 17.58
N SER B 31 1.44 -1.27 17.75
CA SER B 31 1.62 -0.43 16.59
C SER B 31 2.64 -1.06 15.65
N PRO B 32 2.43 -0.97 14.34
CA PRO B 32 3.41 -1.51 13.40
C PRO B 32 4.78 -0.86 13.51
N SER B 33 4.88 0.30 14.14
CA SER B 33 6.22 0.84 14.33
C SER B 33 7.06 -0.02 15.28
N PHE B 34 6.44 -0.96 15.97
CA PHE B 34 7.22 -1.88 16.79
C PHE B 34 8.19 -2.71 15.96
N LEU B 35 7.88 -2.89 14.67
CA LEU B 35 8.70 -3.64 13.73
C LEU B 35 9.38 -2.73 12.72
N GLY B 36 9.11 -1.43 12.78
CA GLY B 36 9.80 -0.46 11.97
C GLY B 36 8.91 0.26 11.00
N PHE B 37 7.69 -0.19 10.79
CA PHE B 37 6.83 0.35 9.75
C PHE B 37 6.20 1.68 10.18
N LYS B 38 5.95 2.52 9.19
CA LYS B 38 5.39 3.86 9.39
C LYS B 38 3.94 3.83 8.88
N GLN B 39 3.03 3.38 9.74
CA GLN B 39 1.67 3.12 9.28
C GLN B 39 0.88 4.39 9.04
N GLU B 40 0.08 4.40 7.96
CA GLU B 40 -0.94 5.42 7.78
C GLU B 40 -1.66 5.65 9.10
N LYS B 41 -1.99 6.90 9.37
CA LYS B 41 -2.85 7.26 10.50
C LYS B 41 -3.99 8.12 9.97
N LEU B 42 -5.18 7.97 10.55
CA LEU B 42 -6.30 8.86 10.25
C LEU B 42 -6.67 9.62 11.50
N THR B 43 -6.69 10.95 11.44
CA THR B 43 -7.06 11.72 12.62
C THR B 43 -8.20 12.69 12.31
N HIS B 44 -9.03 12.85 13.32
CA HIS B 44 -10.11 13.81 13.37
C HIS B 44 -9.63 15.06 14.05
N ILE B 45 -9.78 16.22 13.40
CA ILE B 45 -9.58 17.52 14.02
C ILE B 45 -10.89 18.28 14.01
N HIS B 46 -11.21 18.91 15.12
CA HIS B 46 -12.47 19.62 15.30
C HIS B 46 -12.20 20.95 15.97
N PHE B 47 -12.51 22.04 15.26
CA PHE B 47 -12.26 23.39 15.76
C PHE B 47 -13.26 24.35 15.14
N PHE B 48 -13.24 25.60 15.61
CA PHE B 48 -14.10 26.66 15.09
C PHE B 48 -13.28 27.78 14.46
N LEU B 49 -13.70 28.23 13.28
CA LEU B 49 -13.06 29.31 12.53
C LEU B 49 -13.97 30.54 12.58
N HIS B 50 -13.40 31.66 13.05
CA HIS B 50 -14.19 32.90 13.23
C HIS B 50 -13.82 33.95 12.16
N ASP B 51 -14.79 34.32 11.33
CA ASP B 51 -14.58 35.36 10.29
C ASP B 51 -15.18 36.67 10.76
N ILE B 52 -14.44 37.43 11.57
CA ILE B 52 -14.92 38.74 12.08
C ILE B 52 -14.88 39.75 10.94
N VAL B 53 -16.02 40.01 10.30
CA VAL B 53 -16.10 40.99 9.18
C VAL B 53 -16.49 42.35 9.75
N THR B 54 -16.70 42.44 11.05
CA THR B 54 -17.18 43.71 11.66
C THR B 54 -16.41 44.04 12.94
N GLY B 55 -16.07 45.31 13.12
CA GLY B 55 -15.44 45.69 14.36
C GLY B 55 -14.25 46.61 14.15
N PRO B 56 -13.53 46.87 15.24
CA PRO B 56 -12.36 47.75 15.14
C PRO B 56 -11.25 47.11 14.34
N LYS B 57 -11.04 45.81 14.51
CA LYS B 57 -10.07 45.04 13.74
C LYS B 57 -10.78 43.77 13.28
N PRO B 58 -11.10 43.64 12.01
CA PRO B 58 -11.64 42.39 11.48
C PRO B 58 -10.49 41.42 11.18
N THR B 59 -10.86 40.23 10.72
CA THR B 59 -9.87 39.23 10.37
C THR B 59 -9.66 39.09 8.87
N MET B 60 -10.42 39.81 8.05
CA MET B 60 -10.14 39.80 6.62
C MET B 60 -10.34 41.20 6.03
N ILE B 61 -9.84 41.39 4.81
CA ILE B 61 -10.07 42.62 4.06
C ILE B 61 -10.30 42.22 2.61
N ILE B 62 -10.75 43.20 1.81
CA ILE B 62 -11.09 42.97 0.41
C ILE B 62 -9.86 43.39 -0.38
N ALA B 63 -8.99 42.43 -0.68
CA ALA B 63 -7.67 42.73 -1.22
C ALA B 63 -7.74 43.30 -2.63
N SER B 64 -8.69 42.82 -3.44
CA SER B 64 -8.93 43.39 -4.77
C SER B 64 -10.42 43.38 -5.04
N GLU B 65 -11.03 44.56 -5.09
CA GLU B 65 -12.46 44.65 -5.32
C GLU B 65 -12.81 44.21 -6.75
N SER B 66 -14.04 43.75 -6.92
CA SER B 66 -14.36 43.28 -8.26
C SER B 66 -14.63 44.47 -9.18
N PRO B 67 -14.19 44.39 -10.43
CA PRO B 67 -14.44 45.51 -11.36
C PRO B 67 -15.92 45.84 -11.52
N LEU B 68 -16.82 44.87 -11.39
CA LEU B 68 -18.25 45.17 -11.52
C LEU B 68 -18.82 45.43 -10.12
N ASN B 69 -18.38 46.55 -9.54
CA ASN B 69 -18.87 46.93 -8.22
C ASN B 69 -20.23 47.60 -8.31
N GLY B 70 -20.30 48.78 -8.94
CA GLY B 70 -21.60 49.41 -9.15
C GLY B 70 -22.57 48.52 -9.90
N LYS B 71 -22.06 47.78 -10.89
CA LYS B 71 -22.93 47.03 -11.80
C LYS B 71 -23.63 45.86 -11.11
N SER B 72 -22.96 45.16 -10.21
CA SER B 72 -23.55 44.00 -9.56
C SER B 72 -24.30 44.41 -8.31
N GLU B 73 -25.29 43.59 -7.93
CA GLU B 73 -26.07 43.82 -6.73
C GLU B 73 -25.49 43.11 -5.52
N SER B 74 -24.84 41.97 -5.72
CA SER B 74 -24.28 41.24 -4.60
C SER B 74 -23.28 42.09 -3.83
N PRO B 75 -23.17 41.87 -2.52
CA PRO B 75 -22.13 42.59 -1.76
C PRO B 75 -20.71 42.27 -2.21
N LEU B 76 -20.48 41.05 -2.66
CA LEU B 76 -19.12 40.62 -3.10
C LEU B 76 -19.24 40.14 -4.54
N PRO B 77 -19.11 41.03 -5.52
CA PRO B 77 -19.32 40.65 -6.92
C PRO B 77 -18.25 39.70 -7.48
N PHE B 78 -18.59 38.99 -8.56
CA PHE B 78 -17.66 38.06 -9.23
C PHE B 78 -16.31 38.73 -9.43
N GLY B 79 -15.22 38.10 -8.99
CA GLY B 79 -13.88 38.63 -9.23
C GLY B 79 -13.32 39.34 -8.03
N SER B 80 -14.02 39.23 -6.90
CA SER B 80 -13.53 39.86 -5.65
C SER B 80 -12.49 38.93 -5.03
N ILE B 81 -11.42 39.50 -4.47
CA ILE B 81 -10.43 38.69 -3.78
C ILE B 81 -10.39 39.14 -2.33
N VAL B 82 -10.64 38.21 -1.42
CA VAL B 82 -10.60 38.44 0.02
C VAL B 82 -9.39 37.72 0.59
N VAL B 83 -8.75 38.34 1.58
CA VAL B 83 -7.59 37.75 2.24
C VAL B 83 -7.90 37.73 3.73
N LEU B 84 -7.65 36.58 4.39
CA LEU B 84 -8.11 36.36 5.75
C LEU B 84 -7.01 35.82 6.65
N GLU B 85 -7.09 36.17 7.96
CA GLU B 85 -6.22 35.64 9.02
C GLU B 85 -7.09 35.49 10.27
N ASP B 86 -7.83 34.37 10.34
CA ASP B 86 -8.96 34.00 11.20
C ASP B 86 -8.54 33.06 12.32
N PRO B 87 -9.01 33.34 13.52
CA PRO B 87 -8.69 32.47 14.66
C PRO B 87 -9.42 31.14 14.58
N LEU B 88 -8.73 30.10 15.07
CA LEU B 88 -9.33 28.78 15.25
C LEU B 88 -9.42 28.49 16.74
N THR B 89 -10.63 28.21 17.22
CA THR B 89 -10.84 27.90 18.62
C THR B 89 -11.40 26.49 18.76
N VAL B 90 -11.10 25.87 19.91
CA VAL B 90 -11.61 24.53 20.21
C VAL B 90 -13.11 24.52 20.42
N GLY B 91 -13.70 25.62 20.92
CA GLY B 91 -15.14 25.74 21.09
C GLY B 91 -15.66 27.02 20.47
N PRO B 92 -16.99 27.12 20.28
CA PRO B 92 -17.53 28.12 19.34
C PRO B 92 -17.46 29.54 19.86
N GLU B 93 -17.08 29.74 21.11
CA GLU B 93 -16.93 31.07 21.66
C GLU B 93 -15.55 31.59 21.28
N LEU B 94 -15.49 32.83 20.80
CA LEU B 94 -14.19 33.37 20.43
C LEU B 94 -13.24 33.38 21.62
N ASN B 95 -13.76 33.42 22.84
CA ASN B 95 -12.95 33.39 24.05
C ASN B 95 -12.38 32.02 24.35
N SER B 96 -12.71 31.02 23.52
CA SER B 96 -12.30 29.65 23.76
C SER B 96 -10.79 29.47 23.54
N GLU B 97 -10.26 28.31 23.96
CA GLU B 97 -8.82 28.02 23.78
C GLU B 97 -8.45 28.12 22.31
N LEU B 98 -7.29 28.73 22.03
CA LEU B 98 -6.89 29.00 20.65
C LEU B 98 -6.07 27.84 20.09
N ILE B 99 -6.50 27.35 18.93
CA ILE B 99 -5.90 26.20 18.27
C ILE B 99 -4.90 26.62 17.20
N GLY B 100 -5.26 27.60 16.39
CA GLY B 100 -4.33 28.14 15.42
C GLY B 100 -5.02 29.12 14.51
N LYS B 101 -4.31 29.47 13.43
CA LYS B 101 -4.76 30.40 12.41
C LYS B 101 -5.30 29.66 11.20
N ALA B 102 -6.24 30.28 10.52
CA ALA B 102 -6.52 29.97 9.12
C ALA B 102 -6.11 31.21 8.33
N GLN B 103 -5.17 31.04 7.40
CA GLN B 103 -4.70 32.16 6.62
C GLN B 103 -4.86 31.83 5.16
N GLY B 104 -5.16 32.84 4.35
CA GLY B 104 -5.22 32.56 2.92
C GLY B 104 -6.09 33.57 2.20
N PHE B 105 -6.79 33.10 1.18
CA PHE B 105 -7.55 33.97 0.30
C PHE B 105 -8.71 33.18 -0.26
N TYR B 106 -9.73 33.90 -0.71
CA TYR B 106 -10.73 33.25 -1.54
C TYR B 106 -11.24 34.27 -2.54
N VAL B 107 -11.91 33.75 -3.57
CA VAL B 107 -12.42 34.56 -4.68
C VAL B 107 -13.85 34.13 -4.96
N THR B 108 -14.70 35.08 -5.34
CA THR B 108 -16.10 34.79 -5.59
C THR B 108 -16.25 34.32 -7.04
N VAL B 109 -16.74 33.10 -7.21
CA VAL B 109 -16.69 32.47 -8.53
C VAL B 109 -18.07 32.24 -9.13
N SER B 110 -19.06 33.06 -8.76
CA SER B 110 -20.43 32.90 -9.26
C SER B 110 -20.90 34.19 -9.93
N GLN B 111 -21.14 34.14 -11.23
CA GLN B 111 -21.59 35.35 -11.96
C GLN B 111 -22.98 35.78 -11.49
N ALA B 112 -23.86 34.84 -11.18
CA ALA B 112 -25.24 35.18 -10.85
C ALA B 112 -25.51 35.40 -9.38
N ALA B 113 -24.66 34.87 -8.49
CA ALA B 113 -24.98 34.94 -7.05
C ALA B 113 -25.21 36.38 -6.58
N VAL B 114 -26.19 36.55 -5.70
CA VAL B 114 -26.42 37.83 -5.05
C VAL B 114 -26.21 37.72 -3.55
N LEU B 115 -26.93 36.79 -2.91
CA LEU B 115 -26.59 36.35 -1.57
C LEU B 115 -26.00 34.94 -1.52
N GLU B 116 -26.40 34.05 -2.43
CA GLU B 116 -25.95 32.65 -2.40
C GLU B 116 -24.64 32.51 -3.16
N LEU B 117 -23.58 33.01 -2.52
CA LEU B 117 -22.26 33.16 -3.13
C LEU B 117 -21.58 31.82 -3.31
N GLU B 118 -20.56 31.81 -4.16
CA GLU B 118 -19.77 30.63 -4.40
C GLU B 118 -18.31 31.06 -4.37
N LEU B 119 -17.48 30.29 -3.67
CA LEU B 119 -16.09 30.65 -3.49
C LEU B 119 -15.16 29.50 -3.86
N VAL B 120 -14.05 29.84 -4.52
CA VAL B 120 -12.90 28.96 -4.57
C VAL B 120 -11.93 29.50 -3.55
N MET B 121 -11.51 28.66 -2.60
CA MET B 121 -10.75 29.10 -1.43
C MET B 121 -9.36 28.50 -1.43
N GLY B 122 -8.37 29.29 -1.04
CA GLY B 122 -7.04 28.74 -0.84
C GLY B 122 -6.44 29.15 0.49
N MET B 123 -6.21 28.21 1.39
CA MET B 123 -5.80 28.66 2.71
C MET B 123 -5.05 27.55 3.42
N THR B 124 -4.35 27.95 4.47
CA THR B 124 -3.61 27.03 5.33
C THR B 124 -4.12 27.16 6.78
N PHE B 125 -3.97 26.07 7.53
CA PHE B 125 -4.19 26.05 8.96
C PHE B 125 -2.85 25.84 9.65
N VAL B 126 -2.44 26.81 10.47
CA VAL B 126 -1.32 26.60 11.38
C VAL B 126 -1.90 26.11 12.68
N PHE B 127 -1.31 25.07 13.26
CA PHE B 127 -1.76 24.60 14.57
C PHE B 127 -0.70 24.89 15.61
N THR B 128 -1.10 25.56 16.68
CA THR B 128 -0.22 25.77 17.82
C THR B 128 -0.57 24.88 19.00
N GLY B 129 -1.63 24.06 18.86
CA GLY B 129 -2.07 23.16 19.91
C GLY B 129 -1.12 22.04 20.28
N GLY B 130 -1.68 20.86 20.61
CA GLY B 130 -0.90 19.79 21.22
C GLY B 130 0.13 19.11 20.35
N LYS B 131 -0.10 17.82 20.03
CA LYS B 131 0.84 17.05 19.22
C LYS B 131 1.16 17.75 17.89
N TYR B 132 0.25 18.61 17.43
CA TYR B 132 0.33 19.18 16.10
C TYR B 132 0.83 20.61 16.13
N ASN B 133 1.44 21.05 17.23
CA ASN B 133 2.08 22.34 17.25
C ASN B 133 3.01 22.49 16.07
N GLY B 134 2.86 23.59 15.34
CA GLY B 134 3.72 23.88 14.22
C GLY B 134 3.39 23.17 12.93
N SER B 135 2.57 22.12 12.95
CA SER B 135 2.23 21.48 11.69
C SER B 135 1.17 22.30 10.95
N THR B 136 1.11 22.15 9.63
CA THR B 136 0.11 22.84 8.82
C THR B 136 -0.62 21.85 7.91
N LEU B 137 -1.85 22.23 7.54
CA LEU B 137 -2.59 21.61 6.46
C LEU B 137 -2.92 22.66 5.41
N SER B 138 -2.97 22.26 4.14
CA SER B 138 -3.38 23.16 3.07
C SER B 138 -4.74 22.71 2.54
N VAL B 139 -5.49 23.66 1.96
CA VAL B 139 -6.85 23.43 1.47
C VAL B 139 -7.06 24.27 0.21
N LEU B 140 -7.65 23.68 -0.84
CA LEU B 140 -8.10 24.46 -2.00
C LEU B 140 -9.34 23.79 -2.58
N GLY B 141 -10.45 24.50 -2.58
CA GLY B 141 -11.69 23.87 -3.00
C GLY B 141 -12.79 24.89 -3.23
N ARG B 142 -13.95 24.36 -3.66
CA ARG B 142 -15.21 25.08 -3.79
C ARG B 142 -15.85 25.32 -2.44
N ASN B 143 -16.85 26.20 -2.43
CA ASN B 143 -17.54 26.54 -1.19
C ASN B 143 -18.83 27.33 -1.48
N GLU B 144 -19.99 26.71 -1.26
CA GLU B 144 -21.27 27.37 -1.43
C GLU B 144 -21.70 27.90 -0.07
N ILE B 145 -21.49 29.19 0.14
CA ILE B 145 -21.61 29.81 1.46
C ILE B 145 -22.92 29.40 2.15
N ILE B 146 -24.01 29.22 1.39
CA ILE B 146 -25.29 28.97 2.04
C ILE B 146 -25.61 27.50 2.25
N SER B 147 -25.01 26.60 1.45
CA SER B 147 -25.15 25.17 1.67
C SER B 147 -24.81 24.82 3.13
N PRO B 148 -25.47 23.87 3.73
CA PRO B 148 -25.25 23.60 5.15
C PRO B 148 -23.97 22.84 5.40
N ILE B 149 -23.64 21.90 4.51
CA ILE B 149 -22.42 21.10 4.60
C ILE B 149 -21.52 21.46 3.44
N ARG B 150 -20.30 21.87 3.75
CA ARG B 150 -19.37 22.35 2.74
C ARG B 150 -18.10 21.50 2.82
N GLU B 151 -17.87 20.67 1.81
CA GLU B 151 -16.74 19.74 1.84
C GLU B 151 -15.62 20.20 0.93
N MET B 152 -14.42 20.31 1.48
CA MET B 152 -13.26 20.79 0.76
C MET B 152 -12.09 19.85 0.99
N PRO B 153 -11.22 19.66 -0.01
CA PRO B 153 -10.17 18.65 0.13
C PRO B 153 -9.00 19.16 0.94
N ILE B 154 -8.40 18.27 1.71
CA ILE B 154 -7.06 18.52 2.24
C ILE B 154 -6.06 18.16 1.13
N ILE B 155 -5.45 19.20 0.56
CA ILE B 155 -4.55 19.10 -0.59
C ILE B 155 -3.13 18.65 -0.19
N GLY B 156 -2.73 18.84 1.06
CA GLY B 156 -1.42 18.41 1.52
C GLY B 156 -1.11 19.06 2.85
N GLY B 157 0.06 18.72 3.39
CA GLY B 157 0.42 19.23 4.70
C GLY B 157 1.90 19.12 5.03
N THR B 158 2.31 19.94 6.00
CA THR B 158 3.67 19.99 6.53
C THR B 158 3.67 19.50 7.96
N GLY B 159 4.86 19.32 8.53
CA GLY B 159 4.95 18.95 9.92
C GLY B 159 4.53 17.52 10.16
N GLU B 160 3.72 17.27 11.19
CA GLU B 160 3.22 15.91 11.38
C GLU B 160 2.38 15.50 10.18
N PHE B 161 1.81 16.49 9.48
CA PHE B 161 0.88 16.23 8.41
C PHE B 161 1.57 16.15 7.05
N ARG B 162 2.87 15.89 7.00
CA ARG B 162 3.48 15.58 5.72
C ARG B 162 2.72 14.44 5.06
N PHE B 163 2.52 14.57 3.74
CA PHE B 163 1.82 13.60 2.90
C PHE B 163 0.34 13.56 3.19
N ALA B 164 -0.14 14.62 3.85
CA ALA B 164 -1.54 14.71 4.22
C ALA B 164 -2.41 14.46 3.01
N ARG B 165 -3.55 13.84 3.27
CA ARG B 165 -4.45 13.31 2.24
C ARG B 165 -5.79 13.30 2.95
N GLY B 166 -6.73 14.11 2.49
CA GLY B 166 -8.06 13.96 3.05
C GLY B 166 -8.99 15.06 2.61
N PHE B 167 -10.01 15.28 3.44
CA PHE B 167 -11.08 16.23 3.17
C PHE B 167 -11.52 16.85 4.49
N LEU B 168 -12.44 17.81 4.39
CA LEU B 168 -12.84 18.67 5.50
C LEU B 168 -14.28 19.08 5.27
N GLN B 169 -15.04 19.28 6.36
CA GLN B 169 -16.47 19.64 6.21
C GLN B 169 -16.76 20.85 7.09
N ALA B 170 -17.29 21.91 6.49
CA ALA B 170 -17.60 23.14 7.23
C ALA B 170 -19.11 23.30 7.33
N LYS B 171 -19.61 23.63 8.52
CA LYS B 171 -21.06 23.75 8.74
C LYS B 171 -21.37 25.12 9.37
N SER B 172 -22.37 25.82 8.84
CA SER B 172 -22.69 27.17 9.33
C SER B 172 -24.21 27.34 9.49
N HIS B 173 -24.84 28.20 8.68
CA HIS B 173 -26.29 28.50 8.83
C HIS B 173 -26.73 29.55 7.80
N ALA B 174 -28.04 29.67 7.58
CA ALA B 174 -28.59 30.68 6.64
C ALA B 174 -28.38 32.08 7.20
N ASP B 181 -20.22 39.25 10.83
CA ASP B 181 -19.46 38.39 11.74
C ASP B 181 -19.84 36.93 11.49
N ALA B 182 -19.22 36.02 12.26
CA ALA B 182 -19.48 34.59 12.12
C ALA B 182 -18.72 33.69 13.08
N HIS B 183 -18.93 32.39 12.90
CA HIS B 183 -18.08 31.32 13.35
C HIS B 183 -18.58 30.09 12.64
N VAL B 184 -17.65 29.26 12.17
CA VAL B 184 -17.99 28.11 11.35
C VAL B 184 -17.38 26.87 12.00
N GLU B 185 -18.14 25.79 12.01
CA GLU B 185 -17.68 24.54 12.59
C GLU B 185 -16.93 23.74 11.54
N TYR B 186 -15.71 23.32 11.91
CA TYR B 186 -14.81 22.60 11.02
C TYR B 186 -14.56 21.19 11.55
N ASN B 187 -14.76 20.20 10.70
CA ASN B 187 -14.33 18.84 10.99
C ASN B 187 -13.47 18.38 9.83
N VAL B 188 -12.20 18.05 10.10
CA VAL B 188 -11.26 17.61 9.08
C VAL B 188 -10.79 16.20 9.43
N TYR B 189 -10.68 15.36 8.40
CA TYR B 189 -10.18 14.00 8.50
C TYR B 189 -8.97 13.90 7.59
N VAL B 190 -7.82 13.48 8.12
CA VAL B 190 -6.58 13.50 7.34
C VAL B 190 -5.80 12.23 7.58
N PHE B 191 -5.33 11.64 6.49
CA PHE B 191 -4.35 10.56 6.57
C PHE B 191 -2.94 11.14 6.55
N HIS B 192 -2.07 10.57 7.37
CA HIS B 192 -0.68 11.02 7.47
C HIS B 192 0.08 10.01 8.31
N TYR B 193 1.34 10.31 8.63
CA TYR B 193 2.18 9.37 9.37
C TYR B 193 2.68 10.00 10.64
N PHE C 21 31.99 -8.69 -0.86
CA PHE C 21 33.30 -9.32 -0.92
C PHE C 21 33.23 -10.83 -1.25
N VAL C 22 32.64 -11.61 -0.36
CA VAL C 22 32.74 -13.08 -0.40
C VAL C 22 31.59 -13.66 0.43
N ASN C 23 31.03 -14.79 -0.04
CA ASN C 23 29.71 -15.28 0.40
C ASN C 23 28.61 -14.22 0.14
N ALA C 24 28.88 -13.24 -0.71
CA ALA C 24 28.01 -12.07 -0.90
C ALA C 24 27.30 -12.07 -2.25
N THR C 25 27.47 -13.13 -3.03
CA THR C 25 27.31 -13.11 -4.47
C THR C 25 26.05 -13.82 -5.02
N TYR C 26 25.26 -14.49 -4.19
CA TYR C 26 24.14 -15.28 -4.67
C TYR C 26 22.80 -14.54 -4.62
N TYR C 27 22.80 -13.23 -4.34
CA TYR C 27 21.57 -12.46 -4.17
C TYR C 27 21.84 -11.05 -4.64
N GLN C 28 20.81 -10.40 -5.20
CA GLN C 28 21.12 -9.20 -5.95
C GLN C 28 20.15 -8.05 -5.80
N ASP C 29 18.90 -8.23 -5.36
CA ASP C 29 18.07 -7.07 -5.01
C ASP C 29 17.79 -6.12 -6.18
N ILE C 30 16.58 -6.16 -6.73
CA ILE C 30 16.32 -5.66 -8.07
C ILE C 30 15.02 -4.87 -8.10
N SER C 31 14.77 -4.23 -9.23
CA SER C 31 13.67 -3.29 -9.37
C SER C 31 12.34 -4.02 -9.56
N PRO C 32 11.34 -3.82 -8.71
CA PRO C 32 10.06 -4.53 -8.88
C PRO C 32 9.38 -4.22 -10.21
N SER C 33 10.02 -3.42 -11.06
CA SER C 33 9.57 -3.29 -12.43
C SER C 33 9.91 -4.52 -13.24
N PHE C 34 10.98 -5.24 -12.86
CA PHE C 34 11.27 -6.52 -13.51
C PHE C 34 10.08 -7.45 -13.45
N LEU C 35 9.17 -7.24 -12.51
CA LEU C 35 7.98 -8.06 -12.41
C LEU C 35 6.73 -7.28 -12.76
N GLY C 36 6.90 -6.13 -13.41
CA GLY C 36 5.78 -5.39 -13.92
C GLY C 36 5.19 -4.37 -12.98
N PHE C 37 5.64 -4.35 -11.72
CA PHE C 37 5.13 -3.39 -10.74
C PHE C 37 5.73 -2.00 -10.95
N LYS C 38 5.00 -1.01 -10.48
CA LYS C 38 5.37 0.40 -10.52
C LYS C 38 5.54 0.84 -9.07
N GLN C 39 6.72 0.64 -8.50
CA GLN C 39 7.00 1.01 -7.13
C GLN C 39 7.16 2.52 -7.01
N GLU C 40 6.68 3.08 -5.90
CA GLU C 40 6.86 4.50 -5.71
C GLU C 40 8.28 4.79 -5.30
N LYS C 41 8.88 5.82 -5.91
CA LYS C 41 10.22 6.31 -5.60
C LYS C 41 10.17 7.51 -4.66
N LEU C 42 11.30 7.80 -4.01
CA LEU C 42 11.47 9.00 -3.21
C LEU C 42 12.59 9.82 -3.84
N THR C 43 12.29 11.05 -4.23
CA THR C 43 13.23 11.89 -4.97
C THR C 43 13.55 13.10 -4.12
N HIS C 44 14.84 13.38 -3.94
CA HIS C 44 15.30 14.60 -3.29
C HIS C 44 15.79 15.58 -4.34
N ILE C 45 15.36 16.85 -4.24
CA ILE C 45 15.71 17.88 -5.21
C ILE C 45 16.28 19.10 -4.49
N HIS C 46 17.35 19.68 -5.05
CA HIS C 46 18.06 20.78 -4.41
C HIS C 46 18.27 21.90 -5.40
N PHE C 47 17.70 23.06 -5.13
CA PHE C 47 17.92 24.20 -6.00
C PHE C 47 17.86 25.48 -5.18
N PHE C 48 18.18 26.59 -5.85
CA PHE C 48 18.21 27.91 -5.24
C PHE C 48 17.18 28.80 -5.93
N LEU C 49 16.24 29.33 -5.16
CA LEU C 49 15.22 30.26 -5.65
C LEU C 49 15.78 31.65 -5.53
N HIS C 50 15.52 32.49 -6.54
CA HIS C 50 16.08 33.84 -6.57
C HIS C 50 14.94 34.83 -6.65
N ASP C 51 14.84 35.69 -5.65
CA ASP C 51 13.71 36.59 -5.47
C ASP C 51 14.19 38.02 -5.72
N ILE C 52 13.97 38.54 -6.92
CA ILE C 52 14.60 39.78 -7.35
C ILE C 52 13.54 40.87 -7.40
N VAL C 53 13.66 41.85 -6.52
CA VAL C 53 12.67 42.91 -6.40
C VAL C 53 13.22 44.23 -6.97
N THR C 54 14.45 44.56 -6.64
CA THR C 54 15.04 45.84 -6.99
C THR C 54 15.84 45.78 -8.29
N GLY C 55 15.95 46.92 -8.97
CA GLY C 55 16.72 46.98 -10.19
C GLY C 55 15.91 46.78 -11.46
N PRO C 56 16.61 46.68 -12.60
CA PRO C 56 15.93 46.81 -13.90
C PRO C 56 15.13 45.60 -14.36
N LYS C 57 15.60 44.38 -14.12
CA LYS C 57 14.87 43.18 -14.56
C LYS C 57 14.53 42.33 -13.35
N PRO C 58 13.42 42.65 -12.65
CA PRO C 58 13.04 41.87 -11.47
C PRO C 58 12.02 40.80 -11.82
N THR C 59 11.91 39.80 -10.93
CA THR C 59 11.12 38.59 -11.14
C THR C 59 9.76 38.64 -10.45
N MET C 60 9.38 39.79 -9.90
CA MET C 60 8.18 39.92 -9.09
C MET C 60 7.33 41.06 -9.60
N ILE C 61 6.05 41.04 -9.24
CA ILE C 61 5.21 42.22 -9.40
C ILE C 61 4.15 42.21 -8.30
N ILE C 62 3.75 43.40 -7.88
CA ILE C 62 2.61 43.56 -6.99
C ILE C 62 1.40 43.63 -7.90
N ALA C 63 0.76 42.49 -8.12
CA ALA C 63 -0.39 42.49 -9.01
C ALA C 63 -1.53 43.32 -8.44
N SER C 64 -1.61 43.44 -7.11
CA SER C 64 -2.63 44.30 -6.51
C SER C 64 -2.17 44.78 -5.15
N GLU C 65 -2.21 46.10 -4.96
CA GLU C 65 -1.88 46.75 -3.71
C GLU C 65 -2.91 46.42 -2.63
N SER C 66 -2.41 46.38 -1.40
CA SER C 66 -3.31 46.28 -0.26
C SER C 66 -4.05 47.61 -0.10
N PRO C 67 -5.34 47.56 0.21
CA PRO C 67 -6.03 48.82 0.57
C PRO C 67 -5.42 49.45 1.80
N LEU C 68 -4.75 48.67 2.63
CA LEU C 68 -4.03 49.18 3.78
C LEU C 68 -2.83 50.03 3.40
N ASN C 69 -2.56 50.21 2.10
CA ASN C 69 -1.25 50.68 1.63
C ASN C 69 -0.77 51.91 2.40
N GLY C 70 -1.51 53.02 2.32
CA GLY C 70 -1.08 54.22 3.01
C GLY C 70 -1.04 54.07 4.52
N LYS C 71 -2.00 53.35 5.10
CA LYS C 71 -2.16 53.32 6.55
C LYS C 71 -1.17 52.36 7.21
N SER C 72 -0.95 51.19 6.63
CA SER C 72 -0.12 50.16 7.25
C SER C 72 1.33 50.59 7.30
N GLU C 73 2.06 49.95 8.22
CA GLU C 73 3.47 50.22 8.44
C GLU C 73 4.38 49.17 7.83
N SER C 74 3.81 48.09 7.26
CA SER C 74 4.62 47.05 6.63
C SER C 74 4.97 47.46 5.19
N PRO C 75 6.14 47.02 4.68
CA PRO C 75 6.44 47.29 3.26
C PRO C 75 5.47 46.57 2.33
N LEU C 76 5.05 45.34 2.68
CA LEU C 76 4.01 44.62 1.96
C LEU C 76 2.79 44.46 2.86
N PRO C 77 1.92 45.47 2.92
CA PRO C 77 0.80 45.44 3.86
C PRO C 77 -0.09 44.21 3.69
N PHE C 78 -0.78 43.88 4.78
CA PHE C 78 -1.74 42.78 4.77
C PHE C 78 -2.72 42.92 3.62
N GLY C 79 -2.91 41.83 2.88
CA GLY C 79 -3.79 41.86 1.72
C GLY C 79 -3.13 42.32 0.45
N SER C 80 -1.80 42.32 0.36
CA SER C 80 -1.18 42.52 -0.94
C SER C 80 -1.17 41.20 -1.69
N ILE C 81 -0.97 41.27 -2.99
CA ILE C 81 -0.98 40.09 -3.86
C ILE C 81 0.21 40.22 -4.80
N VAL C 82 1.11 39.26 -4.76
CA VAL C 82 2.32 39.32 -5.57
C VAL C 82 2.21 38.23 -6.61
N VAL C 83 2.86 38.43 -7.76
CA VAL C 83 2.99 37.40 -8.77
C VAL C 83 4.45 37.31 -9.17
N LEU C 84 4.95 36.08 -9.33
CA LEU C 84 6.39 35.83 -9.42
C LEU C 84 6.74 34.82 -10.49
N GLU C 85 7.77 35.13 -11.26
CA GLU C 85 8.48 34.20 -12.13
C GLU C 85 9.94 34.25 -11.71
N ASP C 86 10.27 33.53 -10.64
CA ASP C 86 11.59 33.40 -10.01
C ASP C 86 12.38 32.27 -10.67
N PRO C 87 13.68 32.48 -10.93
CA PRO C 87 14.50 31.42 -11.53
C PRO C 87 15.05 30.45 -10.51
N LEU C 88 15.34 29.22 -10.97
CA LEU C 88 15.83 28.13 -10.14
C LEU C 88 17.19 27.69 -10.64
N THR C 89 18.20 27.75 -9.76
CA THR C 89 19.54 27.39 -10.16
C THR C 89 20.10 26.31 -9.23
N VAL C 90 21.06 25.56 -9.77
CA VAL C 90 21.66 24.46 -9.03
C VAL C 90 22.47 24.97 -7.84
N GLY C 91 23.24 26.04 -8.03
CA GLY C 91 24.02 26.60 -6.94
C GLY C 91 23.54 27.97 -6.46
N PRO C 92 24.19 28.51 -5.43
CA PRO C 92 23.71 29.78 -4.87
C PRO C 92 23.86 30.95 -5.81
N GLU C 93 24.84 30.91 -6.73
CA GLU C 93 24.98 32.01 -7.69
C GLU C 93 23.78 32.04 -8.63
N LEU C 94 23.37 33.25 -9.00
CA LEU C 94 22.34 33.38 -10.03
C LEU C 94 22.89 33.00 -11.39
N ASN C 95 24.19 33.25 -11.63
CA ASN C 95 24.92 32.79 -12.81
C ASN C 95 24.90 31.27 -12.95
N SER C 96 24.50 30.53 -11.92
CA SER C 96 24.61 29.07 -11.91
C SER C 96 23.73 28.43 -12.99
N GLU C 97 23.91 27.12 -13.17
CA GLU C 97 23.12 26.36 -14.13
C GLU C 97 21.63 26.49 -13.83
N LEU C 98 20.88 27.01 -14.79
CA LEU C 98 19.44 27.16 -14.63
C LEU C 98 18.77 25.79 -14.72
N ILE C 99 17.98 25.43 -13.73
CA ILE C 99 17.30 24.14 -13.72
C ILE C 99 15.79 24.27 -13.76
N GLY C 100 15.22 25.46 -13.60
CA GLY C 100 13.79 25.58 -13.62
C GLY C 100 13.38 27.01 -13.30
N LYS C 101 12.07 27.24 -13.33
CA LYS C 101 11.54 28.49 -12.83
C LYS C 101 10.34 28.21 -11.95
N ALA C 102 10.19 29.03 -10.91
CA ALA C 102 9.04 29.00 -10.01
C ALA C 102 8.08 30.11 -10.43
N GLN C 103 6.79 29.76 -10.56
CA GLN C 103 5.78 30.68 -11.07
C GLN C 103 4.51 30.55 -10.25
N GLY C 104 3.85 31.68 -10.00
CA GLY C 104 2.63 31.69 -9.22
C GLY C 104 2.41 33.03 -8.54
N PHE C 105 2.03 32.95 -7.27
CA PHE C 105 1.56 34.11 -6.52
C PHE C 105 1.68 33.83 -5.02
N TYR C 106 1.55 34.89 -4.23
CA TYR C 106 1.28 34.70 -2.81
C TYR C 106 0.52 35.92 -2.32
N VAL C 107 -0.01 35.83 -1.11
CA VAL C 107 -0.74 36.93 -0.47
C VAL C 107 -0.16 37.15 0.91
N THR C 108 0.04 38.41 1.28
CA THR C 108 0.43 38.74 2.65
C THR C 108 -0.73 38.45 3.60
N VAL C 109 -0.47 37.69 4.67
CA VAL C 109 -1.60 37.19 5.46
C VAL C 109 -1.44 37.37 6.97
N SER C 110 -0.55 38.25 7.41
CA SER C 110 -0.45 38.59 8.83
C SER C 110 -0.73 40.08 9.03
N GLN C 111 -1.76 40.40 9.83
CA GLN C 111 -2.10 41.80 9.98
C GLN C 111 -1.20 42.51 10.96
N ALA C 112 -0.67 41.79 11.95
CA ALA C 112 0.26 42.41 12.88
C ALA C 112 1.61 42.68 12.24
N ALA C 113 1.97 41.92 11.20
CA ALA C 113 3.36 41.88 10.74
C ALA C 113 3.75 43.18 10.08
N VAL C 114 4.95 43.67 10.42
CA VAL C 114 5.55 44.81 9.72
C VAL C 114 6.64 44.30 8.79
N LEU C 115 7.79 43.93 9.36
CA LEU C 115 8.87 43.39 8.53
C LEU C 115 8.80 41.88 8.37
N GLU C 116 8.26 41.16 9.36
CA GLU C 116 8.29 39.70 9.38
C GLU C 116 7.04 39.15 8.73
N LEU C 117 7.02 39.23 7.40
CA LEU C 117 5.81 38.92 6.64
C LEU C 117 5.41 37.45 6.83
N GLU C 118 4.11 37.22 6.78
CA GLU C 118 3.56 35.87 6.68
C GLU C 118 2.89 35.76 5.31
N LEU C 119 3.23 34.71 4.57
CA LEU C 119 2.77 34.54 3.20
C LEU C 119 1.99 33.25 3.08
N VAL C 120 0.92 33.27 2.27
CA VAL C 120 0.33 32.05 1.73
C VAL C 120 0.65 32.03 0.24
N MET C 121 1.35 31.00 -0.21
CA MET C 121 1.77 30.96 -1.61
C MET C 121 1.11 29.81 -2.35
N GLY C 122 0.87 30.04 -3.63
CA GLY C 122 0.49 28.97 -4.53
C GLY C 122 1.36 29.08 -5.77
N MET C 123 2.09 28.01 -6.11
CA MET C 123 3.14 28.19 -7.11
C MET C 123 3.56 26.83 -7.62
N THR C 124 4.27 26.84 -8.76
CA THR C 124 4.63 25.62 -9.44
C THR C 124 6.10 25.71 -9.82
N PHE C 125 6.85 24.64 -9.59
CA PHE C 125 8.20 24.55 -10.11
C PHE C 125 8.14 23.75 -11.41
N VAL C 126 8.46 24.38 -12.52
CA VAL C 126 8.70 23.65 -13.77
C VAL C 126 10.21 23.51 -13.91
N PHE C 127 10.65 22.30 -14.26
CA PHE C 127 12.07 21.98 -14.34
C PHE C 127 12.50 21.80 -15.79
N THR C 128 13.58 22.45 -16.16
CA THR C 128 14.24 22.22 -17.43
C THR C 128 15.60 21.60 -17.16
N GLY C 129 15.83 20.40 -17.68
CA GLY C 129 17.14 19.81 -17.53
C GLY C 129 17.16 18.46 -16.87
N GLY C 130 17.71 17.47 -17.57
CA GLY C 130 17.91 16.16 -17.00
C GLY C 130 16.64 15.32 -17.00
N LYS C 131 16.64 14.30 -16.13
CA LYS C 131 15.54 13.34 -16.02
C LYS C 131 14.17 13.98 -15.93
N TYR C 132 14.09 15.20 -15.42
CA TYR C 132 12.84 15.80 -15.00
C TYR C 132 12.41 16.98 -15.87
N ASN C 133 13.09 17.20 -17.01
CA ASN C 133 12.73 18.27 -17.93
C ASN C 133 11.23 18.24 -18.21
N GLY C 134 10.60 19.40 -18.08
CA GLY C 134 9.17 19.52 -18.30
C GLY C 134 8.29 19.07 -17.16
N SER C 135 8.79 18.29 -16.22
CA SER C 135 7.98 17.90 -15.10
C SER C 135 7.78 19.08 -14.16
N THR C 136 6.59 19.16 -13.56
CA THR C 136 6.25 20.20 -12.59
C THR C 136 5.92 19.58 -11.25
N LEU C 137 6.20 20.33 -10.19
CA LEU C 137 5.53 20.16 -8.91
C LEU C 137 4.68 21.38 -8.63
N SER C 138 3.63 21.21 -7.82
CA SER C 138 2.82 22.33 -7.36
C SER C 138 2.78 22.40 -5.84
N VAL C 139 2.71 23.61 -5.32
CA VAL C 139 2.91 23.89 -3.91
C VAL C 139 1.86 24.88 -3.45
N LEU C 140 1.17 24.58 -2.36
CA LEU C 140 0.34 25.60 -1.72
C LEU C 140 0.59 25.53 -0.24
N GLY C 141 1.09 26.62 0.32
CA GLY C 141 1.40 26.56 1.73
C GLY C 141 1.69 27.90 2.34
N ARG C 142 1.79 27.88 3.66
CA ARG C 142 2.22 29.03 4.43
C ARG C 142 3.73 29.14 4.38
N ASN C 143 4.25 30.37 4.37
CA ASN C 143 5.62 30.48 4.84
C ASN C 143 5.82 31.77 5.61
N GLU C 144 6.52 31.66 6.73
CA GLU C 144 6.69 32.72 7.71
C GLU C 144 8.13 33.19 7.58
N ILE C 145 8.34 34.17 6.70
CA ILE C 145 9.64 34.41 6.08
C ILE C 145 10.77 34.55 7.11
N ILE C 146 10.43 34.84 8.36
CA ILE C 146 11.49 35.00 9.35
C ILE C 146 11.92 33.67 9.97
N SER C 147 11.15 32.60 9.79
CA SER C 147 11.56 31.31 10.33
C SER C 147 12.87 30.88 9.70
N PRO C 148 13.75 30.23 10.46
CA PRO C 148 14.97 29.71 9.84
C PRO C 148 14.70 28.57 8.85
N ILE C 149 13.60 27.85 9.04
CA ILE C 149 13.19 26.75 8.15
C ILE C 149 11.71 26.92 7.81
N ARG C 150 11.39 27.00 6.51
CA ARG C 150 10.01 27.11 6.04
C ARG C 150 9.63 25.84 5.29
N GLU C 151 8.66 25.10 5.84
CA GLU C 151 8.16 23.85 5.27
C GLU C 151 6.82 24.10 4.57
N MET C 152 6.65 23.45 3.41
CA MET C 152 5.49 23.73 2.58
C MET C 152 5.20 22.42 1.87
N PRO C 153 3.94 22.07 1.63
CA PRO C 153 3.65 20.76 1.08
C PRO C 153 3.80 20.76 -0.43
N ILE C 154 4.24 19.63 -0.96
CA ILE C 154 4.09 19.36 -2.39
C ILE C 154 2.70 18.77 -2.58
N ILE C 155 1.86 19.46 -3.37
CA ILE C 155 0.44 19.11 -3.41
C ILE C 155 0.06 18.25 -4.61
N GLY C 156 0.97 18.03 -5.53
CA GLY C 156 0.72 17.30 -6.75
C GLY C 156 1.77 17.65 -7.78
N GLY C 157 1.86 16.81 -8.80
CA GLY C 157 2.92 16.97 -9.76
C GLY C 157 2.43 16.50 -11.11
N THR C 158 3.27 16.70 -12.13
CA THR C 158 2.96 16.27 -13.49
C THR C 158 4.18 15.62 -14.11
N GLY C 159 3.96 15.07 -15.30
CA GLY C 159 5.06 14.49 -16.03
C GLY C 159 5.61 13.32 -15.27
N GLU C 160 6.92 13.35 -15.03
CA GLU C 160 7.49 12.34 -14.19
C GLU C 160 6.99 12.40 -12.76
N PHE C 161 6.34 13.50 -12.35
CA PHE C 161 5.96 13.72 -10.96
C PHE C 161 4.47 13.55 -10.72
N ARG C 162 3.77 12.87 -11.62
CA ARG C 162 2.36 12.59 -11.39
C ARG C 162 2.18 11.88 -10.06
N PHE C 163 1.06 12.17 -9.40
CA PHE C 163 0.69 11.54 -8.13
C PHE C 163 1.64 11.90 -6.99
N ALA C 164 2.32 13.04 -7.11
CA ALA C 164 3.32 13.47 -6.13
C ALA C 164 2.71 13.73 -4.75
N ARG C 165 3.37 13.22 -3.71
CA ARG C 165 3.16 13.62 -2.32
C ARG C 165 4.53 14.01 -1.76
N GLY C 166 4.57 15.08 -0.94
CA GLY C 166 5.83 15.42 -0.28
C GLY C 166 5.78 16.76 0.44
N PHE C 167 6.96 17.38 0.60
CA PHE C 167 7.08 18.70 1.24
C PHE C 167 8.41 19.38 0.90
N LEU C 168 8.42 20.72 0.90
CA LEU C 168 9.64 21.48 0.74
C LEU C 168 10.21 21.82 2.09
N GLN C 169 11.40 22.41 2.04
CA GLN C 169 12.02 23.05 3.20
C GLN C 169 12.92 24.16 2.66
N ALA C 170 12.47 25.41 2.75
CA ALA C 170 13.23 26.54 2.23
C ALA C 170 13.97 27.24 3.36
N LYS C 171 15.23 27.63 3.11
CA LYS C 171 16.06 28.32 4.10
C LYS C 171 16.70 29.55 3.44
N SER C 172 16.66 30.70 4.14
CA SER C 172 17.16 31.95 3.55
C SER C 172 18.69 31.96 3.50
N HIS C 173 19.25 32.00 2.30
CA HIS C 173 20.70 32.14 2.11
C HIS C 173 21.15 33.59 2.30
N ALA C 174 20.65 34.48 1.44
CA ALA C 174 20.73 35.93 1.61
C ALA C 174 19.32 36.49 1.57
N VAL C 175 19.11 37.64 2.23
CA VAL C 175 17.79 38.27 2.26
C VAL C 175 17.88 39.69 2.78
N ASP C 176 17.12 40.59 2.14
CA ASP C 176 16.96 41.97 2.59
C ASP C 176 15.50 42.14 2.96
N TYR C 177 15.24 42.35 4.25
CA TYR C 177 13.87 42.42 4.73
C TYR C 177 13.19 43.74 4.44
N HIS C 178 13.93 44.80 4.09
CA HIS C 178 13.27 46.05 3.74
C HIS C 178 12.91 46.09 2.26
N GLU C 179 13.86 45.75 1.38
CA GLU C 179 13.62 45.78 -0.06
C GLU C 179 12.98 44.50 -0.60
N GLY C 180 13.02 43.40 0.15
CA GLY C 180 12.32 42.18 -0.20
C GLY C 180 13.12 41.16 -0.98
N ASP C 181 14.23 41.56 -1.61
CA ASP C 181 15.10 40.64 -2.34
C ASP C 181 15.55 39.47 -1.47
N ALA C 182 15.57 38.27 -2.04
CA ALA C 182 16.02 37.08 -1.32
C ALA C 182 16.69 36.09 -2.23
N HIS C 183 17.58 35.31 -1.65
CA HIS C 183 18.18 34.13 -2.28
C HIS C 183 17.86 32.96 -1.35
N VAL C 184 16.82 32.22 -1.64
CA VAL C 184 16.35 31.14 -0.77
C VAL C 184 16.80 29.82 -1.36
N GLU C 185 17.19 28.87 -0.50
CA GLU C 185 17.58 27.54 -0.93
C GLU C 185 16.49 26.54 -0.57
N TYR C 186 16.07 25.73 -1.55
CA TYR C 186 14.98 24.77 -1.37
C TYR C 186 15.51 23.33 -1.30
N ASN C 187 14.79 22.49 -0.56
CA ASN C 187 15.12 21.04 -0.52
C ASN C 187 13.76 20.34 -0.54
N VAL C 188 13.42 19.69 -1.65
CA VAL C 188 12.09 19.05 -1.82
C VAL C 188 12.21 17.53 -1.73
N TYR C 189 11.32 16.90 -0.96
CA TYR C 189 11.27 15.43 -0.87
C TYR C 189 9.90 14.99 -1.40
N VAL C 190 9.87 14.28 -2.52
CA VAL C 190 8.59 13.94 -3.20
C VAL C 190 8.52 12.47 -3.57
N PHE C 191 7.33 11.88 -3.40
CA PHE C 191 7.09 10.47 -3.78
C PHE C 191 6.32 10.43 -5.09
N HIS C 192 6.61 9.48 -5.96
CA HIS C 192 5.99 9.40 -7.29
C HIS C 192 6.36 8.06 -7.93
N TYR C 193 6.13 7.91 -9.23
CA TYR C 193 6.24 6.58 -9.82
C TYR C 193 7.18 6.44 -10.99
N ALA D 24 -24.48 11.43 -21.06
CA ALA D 24 -24.66 11.34 -19.60
C ALA D 24 -23.59 10.45 -18.95
N THR D 25 -22.62 10.00 -19.76
CA THR D 25 -21.43 9.28 -19.29
C THR D 25 -20.20 9.94 -19.92
N TYR D 26 -19.66 10.87 -19.16
CA TYR D 26 -18.39 11.55 -19.40
C TYR D 26 -17.26 10.87 -18.64
N TYR D 27 -17.50 9.68 -18.08
CA TYR D 27 -16.54 9.04 -17.22
C TYR D 27 -16.55 7.53 -17.43
N GLN D 28 -15.48 6.90 -16.99
CA GLN D 28 -15.32 5.45 -17.09
C GLN D 28 -14.22 5.05 -16.12
N ASP D 29 -14.46 3.99 -15.35
CA ASP D 29 -13.46 3.49 -14.42
C ASP D 29 -12.53 2.55 -15.19
N ILE D 30 -11.36 3.07 -15.55
CA ILE D 30 -10.39 2.35 -16.36
C ILE D 30 -9.57 1.46 -15.44
N SER D 31 -8.83 0.54 -16.02
CA SER D 31 -7.92 -0.31 -15.24
C SER D 31 -6.63 0.45 -14.95
N PRO D 32 -6.08 0.32 -13.74
CA PRO D 32 -4.77 0.92 -13.47
C PRO D 32 -3.65 0.38 -14.35
N SER D 33 -3.85 -0.70 -15.10
CA SER D 33 -2.79 -1.11 -16.02
C SER D 33 -2.57 -0.09 -17.12
N PHE D 34 -3.61 0.71 -17.42
CA PHE D 34 -3.51 1.71 -18.47
C PHE D 34 -2.42 2.73 -18.17
N LEU D 35 -2.08 2.93 -16.90
CA LEU D 35 -1.05 3.87 -16.48
C LEU D 35 0.21 3.17 -16.00
N GLY D 36 0.36 1.90 -16.32
CA GLY D 36 1.56 1.20 -15.91
C GLY D 36 1.47 0.47 -14.59
N PHE D 37 0.42 0.72 -13.80
CA PHE D 37 0.32 0.06 -12.50
C PHE D 37 -0.26 -1.33 -12.64
N LYS D 38 -0.07 -2.14 -11.58
CA LYS D 38 -0.40 -3.56 -11.57
C LYS D 38 -1.18 -3.86 -10.28
N GLN D 39 -2.44 -3.42 -10.24
CA GLN D 39 -3.27 -3.58 -9.06
C GLN D 39 -3.51 -5.05 -8.76
N GLU D 40 -3.78 -5.32 -7.47
CA GLU D 40 -4.10 -6.67 -7.04
C GLU D 40 -5.57 -6.95 -7.28
N LYS D 41 -5.88 -8.23 -7.54
CA LYS D 41 -7.21 -8.67 -7.89
C LYS D 41 -7.67 -9.74 -6.90
N LEU D 42 -8.97 -9.83 -6.71
CA LEU D 42 -9.58 -10.87 -5.90
C LEU D 42 -10.42 -11.75 -6.81
N THR D 43 -10.16 -13.06 -6.77
CA THR D 43 -10.81 -14.03 -7.63
C THR D 43 -11.58 -15.00 -6.76
N HIS D 44 -12.88 -15.14 -7.05
CA HIS D 44 -13.68 -16.24 -6.49
C HIS D 44 -13.46 -17.47 -7.37
N ILE D 45 -12.96 -18.55 -6.78
CA ILE D 45 -12.89 -19.84 -7.45
C ILE D 45 -13.86 -20.80 -6.78
N HIS D 46 -14.59 -21.56 -7.59
CA HIS D 46 -15.61 -22.46 -7.09
C HIS D 46 -15.48 -23.79 -7.81
N PHE D 47 -15.43 -24.87 -7.06
CA PHE D 47 -15.23 -26.19 -7.66
C PHE D 47 -15.54 -27.26 -6.63
N PHE D 48 -15.61 -28.51 -7.09
CA PHE D 48 -15.94 -29.66 -6.26
C PHE D 48 -14.77 -30.62 -6.22
N LEU D 49 -14.43 -31.09 -5.02
CA LEU D 49 -13.31 -31.99 -4.83
C LEU D 49 -13.86 -33.39 -4.58
N HIS D 50 -13.26 -34.39 -5.22
CA HIS D 50 -13.77 -35.77 -5.18
C HIS D 50 -12.73 -36.67 -4.53
N ASP D 51 -12.94 -36.99 -3.26
CA ASP D 51 -12.12 -37.98 -2.56
C ASP D 51 -12.76 -39.34 -2.79
N ILE D 52 -12.28 -40.07 -3.79
CA ILE D 52 -12.72 -41.44 -4.06
C ILE D 52 -11.91 -42.40 -3.20
N VAL D 53 -12.59 -43.05 -2.25
CA VAL D 53 -11.91 -43.97 -1.35
C VAL D 53 -12.12 -45.42 -1.74
N THR D 54 -13.23 -45.75 -2.40
CA THR D 54 -13.55 -47.10 -2.81
C THR D 54 -13.63 -47.16 -4.33
N GLY D 55 -13.54 -48.37 -4.87
CA GLY D 55 -13.53 -48.53 -6.33
C GLY D 55 -12.26 -49.20 -6.80
N PRO D 56 -12.01 -49.28 -8.11
CA PRO D 56 -10.83 -49.93 -8.63
C PRO D 56 -9.62 -49.11 -8.16
N LYS D 57 -9.31 -48.02 -8.85
CA LYS D 57 -8.22 -47.12 -8.39
C LYS D 57 -8.84 -46.03 -7.51
N PRO D 58 -8.55 -45.98 -6.19
CA PRO D 58 -9.05 -44.91 -5.33
C PRO D 58 -8.31 -43.61 -5.64
N THR D 59 -8.65 -42.53 -4.93
CA THR D 59 -8.02 -41.19 -5.19
C THR D 59 -7.01 -40.91 -4.08
N MET D 60 -7.22 -41.41 -2.86
CA MET D 60 -6.19 -41.27 -1.86
C MET D 60 -5.66 -42.64 -1.51
N ILE D 61 -4.53 -42.69 -0.78
CA ILE D 61 -4.11 -43.91 -0.11
C ILE D 61 -3.43 -43.54 1.21
N ILE D 62 -3.31 -44.53 2.07
CA ILE D 62 -2.75 -44.35 3.42
C ILE D 62 -1.24 -44.58 3.32
N ALA D 63 -0.50 -43.51 3.01
CA ALA D 63 0.93 -43.63 2.78
C ALA D 63 1.66 -44.25 3.96
N SER D 64 1.20 -43.98 5.17
CA SER D 64 1.83 -44.56 6.35
C SER D 64 0.78 -44.55 7.45
N GLU D 65 0.67 -45.65 8.17
CA GLU D 65 -0.43 -45.82 9.11
C GLU D 65 0.00 -45.52 10.54
N SER D 66 -0.99 -45.24 11.36
CA SER D 66 -0.76 -44.88 12.74
C SER D 66 -0.28 -46.09 13.52
N PRO D 67 0.79 -45.98 14.30
CA PRO D 67 1.31 -47.12 15.04
C PRO D 67 0.35 -47.69 16.09
N LEU D 68 -0.84 -47.10 16.21
CA LEU D 68 -1.82 -47.63 17.16
C LEU D 68 -3.12 -48.01 16.45
N ASN D 69 -2.98 -48.63 15.27
CA ASN D 69 -4.10 -48.83 14.35
C ASN D 69 -5.13 -49.82 14.88
N GLY D 70 -4.69 -51.00 15.35
CA GLY D 70 -5.63 -51.98 15.85
C GLY D 70 -6.25 -51.59 17.18
N LYS D 71 -5.48 -50.90 18.03
CA LYS D 71 -5.98 -50.49 19.34
C LYS D 71 -7.20 -49.59 19.23
N SER D 72 -7.18 -48.66 18.28
CA SER D 72 -8.26 -47.69 18.13
C SER D 72 -9.43 -48.26 17.33
N GLU D 73 -10.62 -47.77 17.66
CA GLU D 73 -11.85 -47.99 16.93
C GLU D 73 -11.97 -47.04 15.74
N SER D 74 -10.95 -46.20 15.52
CA SER D 74 -10.93 -45.22 14.43
C SER D 74 -10.38 -45.86 13.15
N PRO D 75 -10.99 -45.46 12.02
CA PRO D 75 -10.42 -45.78 10.71
C PRO D 75 -9.11 -45.08 10.41
N LEU D 76 -8.84 -43.96 11.06
CA LEU D 76 -7.61 -43.19 10.81
C LEU D 76 -7.07 -42.73 12.15
N PRO D 77 -6.51 -43.65 12.92
CA PRO D 77 -6.02 -43.30 14.25
C PRO D 77 -4.96 -42.21 14.22
N PHE D 78 -4.89 -41.47 15.32
CA PHE D 78 -4.06 -40.28 15.45
C PHE D 78 -2.64 -40.55 15.02
N GLY D 79 -2.18 -39.82 14.01
CA GLY D 79 -0.83 -39.99 13.49
C GLY D 79 -0.76 -40.70 12.16
N SER D 80 -1.90 -40.87 11.48
CA SER D 80 -1.95 -41.48 10.15
C SER D 80 -1.65 -40.45 9.06
N ILE D 81 -1.14 -40.93 7.93
CA ILE D 81 -0.70 -40.07 6.84
C ILE D 81 -1.30 -40.61 5.55
N VAL D 82 -2.23 -39.85 4.97
CA VAL D 82 -2.82 -40.16 3.68
C VAL D 82 -2.19 -39.25 2.64
N VAL D 83 -1.93 -39.79 1.44
CA VAL D 83 -1.57 -39.00 0.28
C VAL D 83 -2.77 -39.01 -0.65
N LEU D 84 -2.96 -37.93 -1.40
CA LEU D 84 -4.18 -37.83 -2.20
C LEU D 84 -3.91 -37.20 -3.55
N GLU D 85 -4.87 -37.43 -4.45
CA GLU D 85 -4.91 -36.84 -5.79
C GLU D 85 -6.37 -36.74 -6.22
N ASP D 86 -7.09 -35.71 -5.75
CA ASP D 86 -8.54 -35.64 -5.98
C ASP D 86 -8.85 -34.72 -7.16
N PRO D 87 -9.68 -35.17 -8.11
CA PRO D 87 -10.04 -34.31 -9.23
C PRO D 87 -10.95 -33.18 -8.80
N LEU D 88 -10.88 -32.08 -9.56
CA LEU D 88 -11.72 -30.91 -9.31
C LEU D 88 -12.64 -30.69 -10.50
N THR D 89 -13.93 -30.53 -10.24
CA THR D 89 -14.95 -30.45 -11.27
C THR D 89 -15.79 -29.19 -11.07
N VAL D 90 -16.34 -28.66 -12.18
CA VAL D 90 -17.21 -27.48 -12.07
C VAL D 90 -18.48 -27.81 -11.30
N GLY D 91 -19.01 -29.01 -11.51
CA GLY D 91 -20.21 -29.44 -10.81
C GLY D 91 -19.91 -30.59 -9.87
N PRO D 92 -20.86 -30.92 -8.99
CA PRO D 92 -20.62 -31.97 -7.98
C PRO D 92 -20.66 -33.39 -8.54
N GLU D 93 -21.34 -33.59 -9.66
CA GLU D 93 -21.20 -34.84 -10.41
C GLU D 93 -19.74 -34.98 -10.85
N LEU D 94 -19.20 -36.19 -10.77
CA LEU D 94 -17.81 -36.39 -11.18
C LEU D 94 -17.61 -36.13 -12.66
N ASN D 95 -18.67 -36.21 -13.46
CA ASN D 95 -18.59 -36.14 -14.91
C ASN D 95 -18.53 -34.71 -15.44
N SER D 96 -18.73 -33.71 -14.58
CA SER D 96 -18.75 -32.33 -15.04
C SER D 96 -17.36 -31.93 -15.54
N GLU D 97 -17.28 -30.75 -16.16
CA GLU D 97 -16.01 -30.29 -16.71
C GLU D 97 -14.93 -30.33 -15.63
N LEU D 98 -13.89 -31.11 -15.88
CA LEU D 98 -12.77 -31.23 -14.94
C LEU D 98 -11.82 -30.05 -15.15
N ILE D 99 -11.73 -29.18 -14.15
CA ILE D 99 -10.94 -27.98 -14.26
C ILE D 99 -9.56 -28.10 -13.62
N GLY D 100 -9.39 -28.99 -12.66
CA GLY D 100 -8.08 -29.20 -12.10
C GLY D 100 -8.06 -30.36 -11.14
N LYS D 101 -7.02 -30.39 -10.31
CA LYS D 101 -6.81 -31.50 -9.40
C LYS D 101 -6.10 -31.00 -8.16
N ALA D 102 -6.43 -31.60 -7.02
CA ALA D 102 -5.74 -31.35 -5.76
C ALA D 102 -4.79 -32.50 -5.48
N GLN D 103 -3.51 -32.18 -5.26
CA GLN D 103 -2.50 -33.12 -4.80
C GLN D 103 -1.92 -32.67 -3.48
N GLY D 104 -1.55 -33.65 -2.66
CA GLY D 104 -1.00 -33.33 -1.35
C GLY D 104 -1.14 -34.50 -0.39
N PHE D 105 -1.25 -34.15 0.90
CA PHE D 105 -1.30 -35.13 1.97
C PHE D 105 -2.11 -34.52 3.12
N TYR D 106 -2.47 -35.37 4.08
CA TYR D 106 -2.98 -34.82 5.33
C TYR D 106 -2.61 -35.75 6.46
N VAL D 107 -2.67 -35.20 7.68
CA VAL D 107 -2.26 -35.90 8.88
C VAL D 107 -3.38 -35.81 9.91
N THR D 108 -3.78 -36.98 10.46
CA THR D 108 -4.78 -37.01 11.53
C THR D 108 -4.15 -36.51 12.82
N VAL D 109 -4.78 -35.54 13.49
CA VAL D 109 -4.12 -34.81 14.56
C VAL D 109 -4.92 -34.75 15.85
N SER D 110 -6.07 -35.43 15.89
CA SER D 110 -6.84 -35.51 17.16
C SER D 110 -6.59 -36.87 17.80
N GLN D 111 -6.29 -36.88 19.09
CA GLN D 111 -6.02 -38.16 19.79
C GLN D 111 -7.36 -38.85 20.05
N ALA D 112 -8.37 -38.13 20.55
CA ALA D 112 -9.72 -38.72 20.74
C ALA D 112 -10.12 -39.40 19.44
N ALA D 113 -10.36 -38.61 18.40
CA ALA D 113 -10.58 -39.18 17.06
C ALA D 113 -11.80 -40.09 16.98
N VAL D 114 -11.60 -41.28 16.42
CA VAL D 114 -12.72 -42.23 16.16
C VAL D 114 -13.33 -41.81 14.82
N LEU D 115 -14.31 -40.92 14.81
CA LEU D 115 -14.94 -40.63 13.49
C LEU D 115 -15.01 -39.12 13.26
N GLU D 116 -14.94 -38.35 14.34
CA GLU D 116 -14.91 -36.88 14.21
C GLU D 116 -13.43 -36.53 14.06
N LEU D 117 -12.88 -36.77 12.88
CA LEU D 117 -11.42 -36.61 12.65
C LEU D 117 -11.01 -35.15 12.50
N GLU D 118 -9.77 -34.86 12.89
CA GLU D 118 -9.22 -33.49 12.71
C GLU D 118 -7.94 -33.65 11.89
N LEU D 119 -7.85 -32.96 10.75
CA LEU D 119 -6.71 -33.11 9.85
C LEU D 119 -5.97 -31.79 9.68
N VAL D 120 -4.65 -31.90 9.62
CA VAL D 120 -3.78 -30.87 9.06
C VAL D 120 -3.52 -31.30 7.62
N MET D 121 -3.81 -30.43 6.65
CA MET D 121 -3.66 -30.78 5.24
C MET D 121 -2.63 -29.88 4.57
N GLY D 122 -1.72 -30.50 3.82
CA GLY D 122 -0.82 -29.75 2.97
C GLY D 122 -1.06 -30.17 1.54
N MET D 123 -1.48 -29.24 0.70
CA MET D 123 -1.91 -29.65 -0.62
C MET D 123 -1.86 -28.46 -1.57
N THR D 124 -1.71 -28.77 -2.87
CA THR D 124 -1.74 -27.77 -3.93
C THR D 124 -2.87 -28.07 -4.90
N PHE D 125 -3.42 -27.02 -5.48
CA PHE D 125 -4.38 -27.10 -6.58
C PHE D 125 -3.71 -26.73 -7.89
N VAL D 126 -3.89 -27.56 -8.91
CA VAL D 126 -3.51 -27.21 -10.27
C VAL D 126 -4.78 -27.04 -11.06
N PHE D 127 -4.77 -26.14 -12.03
CA PHE D 127 -5.92 -25.93 -12.90
C PHE D 127 -5.56 -26.23 -14.35
N THR D 128 -6.60 -26.56 -15.14
CA THR D 128 -6.42 -27.07 -16.51
C THR D 128 -7.45 -26.37 -17.37
N GLY D 129 -7.10 -25.21 -17.88
CA GLY D 129 -8.03 -24.48 -18.73
C GLY D 129 -8.52 -23.22 -18.07
N GLY D 130 -8.72 -22.19 -18.88
CA GLY D 130 -9.17 -20.89 -18.42
C GLY D 130 -8.01 -19.93 -18.30
N LYS D 131 -8.32 -18.73 -17.77
CA LYS D 131 -7.29 -17.79 -17.38
C LYS D 131 -6.21 -18.53 -16.61
N TYR D 132 -6.62 -19.29 -15.61
CA TYR D 132 -5.71 -19.91 -14.66
C TYR D 132 -5.28 -21.30 -15.08
N ASN D 133 -5.35 -21.59 -16.38
CA ASN D 133 -4.75 -22.81 -16.89
C ASN D 133 -3.29 -22.84 -16.50
N GLY D 134 -2.90 -23.80 -15.66
CA GLY D 134 -1.51 -24.02 -15.31
C GLY D 134 -1.07 -23.37 -14.02
N SER D 135 -1.85 -22.43 -13.49
CA SER D 135 -1.47 -21.79 -12.23
C SER D 135 -1.75 -22.75 -11.07
N THR D 136 -1.04 -22.55 -9.95
CA THR D 136 -1.33 -23.35 -8.77
C THR D 136 -1.60 -22.48 -7.54
N LEU D 137 -2.19 -23.12 -6.54
CA LEU D 137 -2.43 -22.56 -5.21
C LEU D 137 -1.99 -23.60 -4.20
N SER D 138 -1.36 -23.17 -3.12
CA SER D 138 -0.95 -24.11 -2.08
C SER D 138 -1.69 -23.79 -0.78
N VAL D 139 -1.91 -24.81 0.05
CA VAL D 139 -2.58 -24.56 1.33
C VAL D 139 -2.01 -25.50 2.39
N LEU D 140 -1.76 -24.95 3.57
CA LEU D 140 -1.49 -25.70 4.79
C LEU D 140 -2.46 -25.20 5.84
N GLY D 141 -3.26 -26.10 6.39
CA GLY D 141 -4.30 -25.66 7.31
C GLY D 141 -4.89 -26.83 8.08
N ARG D 142 -5.97 -26.53 8.81
CA ARG D 142 -6.58 -27.44 9.77
C ARG D 142 -8.07 -27.52 9.50
N ASN D 143 -8.61 -28.74 9.40
CA ASN D 143 -10.05 -28.89 9.37
C ASN D 143 -10.53 -30.01 10.28
N GLU D 144 -11.69 -29.80 10.88
CA GLU D 144 -12.46 -30.86 11.52
C GLU D 144 -13.50 -31.26 10.48
N ILE D 145 -13.41 -32.50 10.00
CA ILE D 145 -14.28 -32.97 8.92
C ILE D 145 -15.74 -32.89 9.33
N ILE D 146 -16.02 -32.98 10.63
CA ILE D 146 -17.40 -33.11 11.11
C ILE D 146 -18.20 -31.83 10.98
N SER D 147 -17.52 -30.68 10.93
CA SER D 147 -18.16 -29.38 10.87
C SER D 147 -18.53 -29.03 9.43
N PRO D 148 -19.53 -28.15 9.24
CA PRO D 148 -20.04 -27.92 7.88
C PRO D 148 -19.15 -26.99 7.08
N ILE D 149 -18.79 -25.86 7.67
CA ILE D 149 -17.82 -24.95 7.08
C ILE D 149 -16.45 -25.26 7.65
N ARG D 150 -15.47 -25.45 6.78
CA ARG D 150 -14.08 -25.63 7.17
C ARG D 150 -13.22 -24.64 6.41
N GLU D 151 -12.54 -23.75 7.13
CA GLU D 151 -11.69 -22.72 6.51
C GLU D 151 -10.22 -23.10 6.59
N MET D 152 -9.48 -22.80 5.53
CA MET D 152 -8.04 -23.06 5.48
C MET D 152 -7.43 -21.95 4.64
N PRO D 153 -6.17 -21.60 4.88
CA PRO D 153 -5.58 -20.46 4.16
C PRO D 153 -4.95 -20.82 2.82
N ILE D 154 -4.93 -19.83 1.91
CA ILE D 154 -4.14 -19.98 0.66
C ILE D 154 -2.78 -19.41 1.04
N ILE D 155 -1.75 -20.24 1.17
CA ILE D 155 -0.43 -19.81 1.70
C ILE D 155 0.42 -19.17 0.58
N GLY D 156 0.16 -19.53 -0.66
CA GLY D 156 0.90 -18.96 -1.79
C GLY D 156 0.38 -19.52 -3.11
N GLY D 157 0.84 -18.98 -4.23
CA GLY D 157 0.46 -19.55 -5.50
C GLY D 157 1.52 -19.31 -6.56
N THR D 158 1.36 -19.97 -7.70
CA THR D 158 2.26 -19.78 -8.84
C THR D 158 1.48 -19.30 -10.06
N GLY D 159 2.24 -19.04 -11.13
CA GLY D 159 1.64 -18.64 -12.38
C GLY D 159 0.80 -17.40 -12.19
N GLU D 160 -0.40 -17.42 -12.75
CA GLU D 160 -1.32 -16.30 -12.58
C GLU D 160 -1.58 -16.01 -11.10
N PHE D 161 -1.28 -16.96 -10.22
CA PHE D 161 -1.56 -16.84 -8.80
C PHE D 161 -0.32 -16.55 -7.98
N ARG D 162 0.76 -16.07 -8.61
CA ARG D 162 1.93 -15.64 -7.85
C ARG D 162 1.51 -14.63 -6.79
N PHE D 163 2.17 -14.70 -5.64
CA PHE D 163 1.95 -13.76 -4.56
C PHE D 163 0.58 -13.91 -3.92
N ALA D 164 -0.06 -15.07 -4.11
CA ALA D 164 -1.42 -15.26 -3.61
C ALA D 164 -1.46 -15.20 -2.08
N ARG D 165 -2.59 -14.71 -1.60
CA ARG D 165 -2.90 -14.66 -0.17
C ARG D 165 -4.41 -14.64 -0.08
N GLY D 166 -4.98 -15.56 0.68
CA GLY D 166 -6.41 -15.68 0.69
C GLY D 166 -6.82 -16.85 1.55
N PHE D 167 -8.08 -17.25 1.42
CA PHE D 167 -8.60 -18.38 2.18
C PHE D 167 -9.54 -19.20 1.32
N LEU D 168 -10.04 -20.28 1.91
CA LEU D 168 -10.71 -21.36 1.22
C LEU D 168 -11.76 -21.91 2.17
N GLN D 169 -12.99 -22.09 1.68
CA GLN D 169 -14.06 -22.64 2.51
C GLN D 169 -14.64 -23.88 1.85
N ALA D 170 -14.58 -25.01 2.57
CA ALA D 170 -15.02 -26.33 2.09
C ALA D 170 -16.32 -26.74 2.76
N LYS D 171 -17.31 -27.14 1.95
CA LYS D 171 -18.66 -27.47 2.42
C LYS D 171 -18.93 -28.96 2.29
N SER D 172 -19.31 -29.60 3.38
CA SER D 172 -19.75 -30.99 3.30
C SER D 172 -20.83 -31.24 4.35
N ASP D 181 -17.73 -41.95 -3.28
CA ASP D 181 -17.27 -42.15 -1.87
C ASP D 181 -17.21 -40.80 -1.17
N ALA D 182 -17.29 -39.69 -1.92
CA ALA D 182 -17.35 -38.33 -1.31
C ALA D 182 -17.20 -37.22 -2.35
N HIS D 183 -17.66 -36.02 -2.02
CA HIS D 183 -17.50 -34.85 -2.93
C HIS D 183 -17.68 -33.59 -2.07
N VAL D 184 -16.66 -32.74 -2.05
CA VAL D 184 -16.72 -31.52 -1.17
C VAL D 184 -16.81 -30.27 -2.04
N GLU D 185 -17.53 -29.26 -1.57
CA GLU D 185 -17.70 -28.01 -2.32
C GLU D 185 -16.66 -27.00 -1.84
N TYR D 186 -15.94 -26.38 -2.76
CA TYR D 186 -14.86 -25.46 -2.39
C TYR D 186 -15.17 -24.06 -2.87
N ASN D 187 -15.03 -23.11 -1.95
CA ASN D 187 -15.07 -21.68 -2.30
C ASN D 187 -13.73 -21.08 -1.94
N VAL D 188 -13.05 -20.52 -2.93
CA VAL D 188 -11.70 -20.00 -2.76
C VAL D 188 -11.70 -18.52 -3.12
N TYR D 189 -11.15 -17.70 -2.23
CA TYR D 189 -11.05 -16.26 -2.40
C TYR D 189 -9.57 -15.91 -2.36
N VAL D 190 -9.01 -15.49 -3.50
CA VAL D 190 -7.57 -15.26 -3.59
C VAL D 190 -7.31 -13.82 -3.98
N PHE D 191 -6.30 -13.23 -3.37
CA PHE D 191 -5.71 -12.01 -3.86
C PHE D 191 -4.46 -12.37 -4.67
N HIS D 192 -4.33 -11.80 -5.86
CA HIS D 192 -3.15 -11.94 -6.71
C HIS D 192 -3.12 -10.75 -7.66
N TYR D 193 -2.25 -10.82 -8.67
CA TYR D 193 -2.12 -9.73 -9.66
C TYR D 193 -2.45 -10.15 -11.09
N ASN E 23 25.15 18.77 -18.08
CA ASN E 23 24.24 18.87 -16.94
C ASN E 23 24.99 18.54 -15.64
N ALA E 24 25.18 19.54 -14.78
CA ALA E 24 25.29 19.24 -13.34
C ALA E 24 23.89 18.89 -12.82
N THR E 25 23.83 18.01 -11.83
CA THR E 25 22.56 17.43 -11.46
C THR E 25 22.15 17.80 -10.05
N TYR E 26 20.87 18.11 -9.91
CA TYR E 26 20.23 18.72 -8.75
C TYR E 26 19.16 17.83 -8.17
N TYR E 27 19.14 16.55 -8.53
CA TYR E 27 18.11 15.64 -8.05
C TYR E 27 18.75 14.27 -7.87
N GLN E 28 18.37 13.57 -6.82
CA GLN E 28 18.79 12.19 -6.69
C GLN E 28 17.67 11.44 -6.00
N ASP E 29 17.58 10.15 -6.29
CA ASP E 29 16.59 9.30 -5.65
C ASP E 29 17.20 8.71 -4.39
N ILE E 30 16.41 8.66 -3.33
CA ILE E 30 16.92 8.18 -2.07
C ILE E 30 16.00 7.09 -1.54
N SER E 31 16.55 6.32 -0.61
CA SER E 31 15.78 5.27 0.03
C SER E 31 14.66 5.91 0.85
N PRO E 32 13.43 5.38 0.76
CA PRO E 32 12.40 5.85 1.70
C PRO E 32 12.81 5.62 3.15
N SER E 33 13.89 4.87 3.36
CA SER E 33 14.48 4.74 4.69
C SER E 33 14.73 6.09 5.35
N PHE E 34 15.14 7.08 4.57
CA PHE E 34 15.57 8.35 5.14
C PHE E 34 14.43 9.12 5.80
N LEU E 35 13.19 8.80 5.47
CA LEU E 35 12.06 9.40 6.16
C LEU E 35 11.39 8.41 7.10
N GLY E 36 12.07 7.30 7.41
CA GLY E 36 11.58 6.36 8.40
C GLY E 36 10.58 5.33 7.90
N PHE E 37 10.35 5.23 6.59
CA PHE E 37 9.48 4.20 6.01
C PHE E 37 10.28 2.93 5.72
N LYS E 38 9.58 1.81 5.72
CA LYS E 38 10.16 0.48 5.56
C LYS E 38 9.79 0.00 4.15
N GLN E 39 10.60 0.40 3.17
CA GLN E 39 10.30 0.20 1.75
C GLN E 39 10.37 -1.28 1.38
N GLU E 40 9.37 -1.77 0.67
CA GLU E 40 9.33 -3.18 0.27
C GLU E 40 10.38 -3.43 -0.83
N LYS E 41 11.31 -4.36 -0.59
CA LYS E 41 12.35 -4.73 -1.54
C LYS E 41 12.02 -6.01 -2.27
N LEU E 42 12.48 -6.11 -3.51
CA LEU E 42 12.41 -7.33 -4.30
C LEU E 42 13.82 -7.87 -4.45
N THR E 43 14.06 -9.10 -3.95
CA THR E 43 15.38 -9.70 -3.93
C THR E 43 15.42 -10.90 -4.87
N HIS E 44 16.45 -10.97 -5.70
CA HIS E 44 16.64 -12.08 -6.61
C HIS E 44 17.75 -12.97 -6.08
N ILE E 45 17.41 -14.22 -5.72
CA ILE E 45 18.34 -15.17 -5.12
C ILE E 45 18.62 -16.26 -6.14
N HIS E 46 19.90 -16.60 -6.31
CA HIS E 46 20.35 -17.53 -7.34
C HIS E 46 21.33 -18.51 -6.71
N PHE E 47 21.02 -19.80 -6.78
CA PHE E 47 21.87 -20.83 -6.18
C PHE E 47 21.55 -22.18 -6.84
N PHE E 48 22.44 -23.14 -6.56
CA PHE E 48 22.31 -24.51 -7.04
C PHE E 48 22.14 -25.45 -5.85
N LEU E 49 21.24 -26.42 -6.01
CA LEU E 49 20.89 -27.35 -4.96
C LEU E 49 21.42 -28.71 -5.39
N HIS E 50 22.38 -29.25 -4.64
CA HIS E 50 22.96 -30.53 -5.01
C HIS E 50 22.26 -31.66 -4.28
N ASP E 51 22.04 -32.74 -5.00
CA ASP E 51 21.28 -33.88 -4.53
C ASP E 51 22.24 -35.06 -4.62
N ILE E 52 22.91 -35.38 -3.51
CA ILE E 52 23.95 -36.44 -3.56
C ILE E 52 23.30 -37.78 -3.18
N VAL E 53 23.19 -38.69 -4.13
CA VAL E 53 22.60 -40.03 -3.87
C VAL E 53 23.75 -41.01 -3.69
N THR E 54 24.98 -40.53 -3.93
CA THR E 54 26.17 -41.40 -3.80
C THR E 54 26.84 -41.21 -2.44
N GLY E 55 27.85 -42.01 -2.15
CA GLY E 55 28.61 -41.82 -0.91
C GLY E 55 27.98 -42.50 0.28
N PRO E 56 28.64 -42.50 1.45
CA PRO E 56 28.08 -43.09 2.66
C PRO E 56 27.06 -42.15 3.32
N LYS E 57 27.10 -40.86 2.96
CA LYS E 57 26.11 -39.90 3.50
C LYS E 57 25.27 -39.37 2.36
N PRO E 58 24.14 -40.00 2.03
CA PRO E 58 23.26 -39.48 1.01
C PRO E 58 22.51 -38.29 1.63
N THR E 59 22.08 -37.34 0.79
CA THR E 59 21.39 -36.13 1.30
C THR E 59 19.88 -36.39 1.34
N MET E 60 19.46 -37.50 0.73
CA MET E 60 18.05 -37.83 0.72
C MET E 60 17.86 -39.24 1.26
N ILE E 61 16.60 -39.60 1.49
CA ILE E 61 16.24 -40.90 2.07
C ILE E 61 14.75 -41.10 1.88
N ILE E 62 14.36 -42.31 1.48
CA ILE E 62 12.94 -42.62 1.57
C ILE E 62 12.61 -42.75 3.06
N ALA E 63 11.73 -41.87 3.54
CA ALA E 63 11.38 -41.83 4.95
C ALA E 63 10.23 -42.78 5.31
N SER E 64 9.33 -43.01 4.35
CA SER E 64 8.22 -43.93 4.57
C SER E 64 7.82 -44.38 3.17
N GLU E 65 8.19 -45.61 2.82
CA GLU E 65 7.83 -46.12 1.52
C GLU E 65 6.31 -46.26 1.40
N SER E 66 5.88 -46.32 0.16
CA SER E 66 4.46 -46.44 -0.12
C SER E 66 4.00 -47.86 0.21
N PRO E 67 2.76 -48.01 0.66
CA PRO E 67 2.23 -49.37 0.88
C PRO E 67 2.06 -50.18 -0.40
N LEU E 68 1.85 -49.53 -1.56
CA LEU E 68 1.88 -50.22 -2.85
C LEU E 68 3.30 -50.30 -3.42
N ASN E 69 4.31 -50.46 -2.56
CA ASN E 69 5.69 -50.48 -3.04
C ASN E 69 5.96 -51.64 -4.00
N GLY E 70 5.57 -52.85 -3.61
CA GLY E 70 5.77 -54.01 -4.48
C GLY E 70 4.77 -54.07 -5.62
N LYS E 71 3.53 -53.59 -5.39
CA LYS E 71 2.52 -53.66 -6.44
C LYS E 71 2.88 -52.80 -7.65
N SER E 72 3.60 -51.70 -7.43
CA SER E 72 3.82 -50.71 -8.49
C SER E 72 5.23 -50.80 -9.06
N GLU E 73 5.37 -50.39 -10.33
CA GLU E 73 6.63 -50.44 -11.06
C GLU E 73 7.44 -49.16 -10.99
N SER E 74 6.87 -48.10 -10.41
CA SER E 74 7.58 -46.84 -10.27
C SER E 74 8.73 -46.98 -9.26
N PRO E 75 9.85 -46.30 -9.49
CA PRO E 75 10.89 -46.28 -8.45
C PRO E 75 10.44 -45.64 -7.15
N LEU E 76 9.33 -44.92 -7.12
CA LEU E 76 8.89 -44.17 -5.94
C LEU E 76 7.36 -44.01 -5.99
N PRO E 77 6.62 -45.09 -5.70
CA PRO E 77 5.20 -45.12 -6.03
C PRO E 77 4.38 -44.15 -5.20
N PHE E 78 3.13 -44.00 -5.62
CA PHE E 78 2.16 -43.11 -5.00
C PHE E 78 2.16 -43.21 -3.48
N GLY E 79 2.40 -42.09 -2.81
CA GLY E 79 2.40 -42.06 -1.36
C GLY E 79 3.74 -42.30 -0.71
N SER E 80 4.85 -42.20 -1.45
CA SER E 80 6.13 -42.26 -0.79
C SER E 80 6.46 -40.91 -0.17
N ILE E 81 7.36 -40.93 0.80
CA ILE E 81 7.74 -39.72 1.52
C ILE E 81 9.25 -39.67 1.58
N VAL E 82 9.83 -38.63 1.02
CA VAL E 82 11.27 -38.46 1.01
C VAL E 82 11.64 -37.33 1.94
N VAL E 83 12.75 -37.49 2.65
CA VAL E 83 13.32 -36.42 3.47
C VAL E 83 14.66 -36.07 2.87
N LEU E 84 15.02 -34.79 2.93
CA LEU E 84 16.17 -34.31 2.20
C LEU E 84 16.90 -33.27 3.02
N GLU E 85 18.21 -33.24 2.86
CA GLU E 85 19.06 -32.21 3.46
C GLU E 85 20.15 -31.90 2.45
N ASP E 86 19.84 -30.99 1.53
CA ASP E 86 20.67 -30.75 0.37
C ASP E 86 21.48 -29.45 0.50
N PRO E 87 22.75 -29.46 0.11
CA PRO E 87 23.55 -28.23 0.16
C PRO E 87 23.17 -27.27 -0.97
N LEU E 88 23.29 -25.98 -0.68
CA LEU E 88 23.09 -24.92 -1.66
C LEU E 88 24.43 -24.25 -1.94
N THR E 89 24.79 -24.11 -3.22
CA THR E 89 26.05 -23.45 -3.58
C THR E 89 25.79 -22.32 -4.58
N VAL E 90 26.75 -21.36 -4.63
CA VAL E 90 26.59 -20.21 -5.52
C VAL E 90 26.70 -20.63 -6.97
N GLY E 91 27.42 -21.71 -7.25
CA GLY E 91 27.57 -22.20 -8.60
C GLY E 91 27.32 -23.69 -8.67
N PRO E 92 27.29 -24.26 -9.89
CA PRO E 92 26.81 -25.64 -10.06
C PRO E 92 27.78 -26.71 -9.61
N GLU E 93 29.05 -26.38 -9.47
CA GLU E 93 30.01 -27.31 -8.89
C GLU E 93 29.84 -27.33 -7.37
N LEU E 94 29.98 -28.53 -6.78
CA LEU E 94 29.97 -28.64 -5.33
C LEU E 94 31.11 -27.85 -4.66
N ASN E 95 32.18 -27.55 -5.39
CA ASN E 95 33.31 -26.81 -4.84
C ASN E 95 32.95 -25.37 -4.53
N SER E 96 32.00 -24.79 -5.27
CA SER E 96 31.72 -23.37 -5.12
C SER E 96 31.19 -23.09 -3.71
N GLU E 97 31.18 -21.80 -3.35
CA GLU E 97 30.90 -21.43 -1.97
C GLU E 97 29.62 -22.05 -1.49
N LEU E 98 29.70 -22.80 -0.40
CA LEU E 98 28.50 -23.27 0.25
C LEU E 98 27.82 -22.08 0.93
N ILE E 99 26.60 -21.75 0.52
CA ILE E 99 25.90 -20.59 1.04
C ILE E 99 24.59 -20.95 1.71
N GLY E 100 24.21 -22.21 1.74
CA GLY E 100 22.95 -22.56 2.36
C GLY E 100 22.71 -24.05 2.38
N LYS E 101 21.45 -24.42 2.59
CA LYS E 101 21.07 -25.80 2.77
C LYS E 101 19.56 -25.84 2.74
N ALA E 102 18.98 -26.71 1.92
CA ALA E 102 17.53 -26.91 1.87
C ALA E 102 17.21 -28.16 2.65
N GLN E 103 16.22 -28.07 3.52
CA GLN E 103 15.81 -29.23 4.29
C GLN E 103 14.31 -29.30 4.20
N GLY E 104 13.79 -30.50 4.12
CA GLY E 104 12.37 -30.63 4.04
C GLY E 104 11.99 -32.04 3.74
N PHE E 105 11.05 -32.20 2.80
CA PHE E 105 10.42 -33.48 2.51
C PHE E 105 9.56 -33.29 1.29
N TYR E 106 9.28 -34.39 0.60
CA TYR E 106 8.28 -34.35 -0.46
C TYR E 106 7.58 -35.69 -0.57
N VAL E 107 6.43 -35.64 -1.23
CA VAL E 107 5.47 -36.74 -1.30
C VAL E 107 5.09 -36.95 -2.76
N THR E 108 5.17 -38.19 -3.24
CA THR E 108 4.75 -38.46 -4.60
C THR E 108 3.22 -38.47 -4.67
N VAL E 109 2.65 -37.71 -5.60
CA VAL E 109 1.21 -37.48 -5.60
C VAL E 109 0.57 -37.81 -6.93
N SER E 110 1.21 -38.66 -7.73
CA SER E 110 0.58 -39.17 -8.94
C SER E 110 0.33 -40.66 -8.81
N GLN E 111 -0.94 -41.07 -8.90
CA GLN E 111 -1.23 -42.50 -8.94
C GLN E 111 -0.86 -43.09 -10.29
N ALA E 112 -0.98 -42.32 -11.36
CA ALA E 112 -0.64 -42.83 -12.68
C ALA E 112 0.87 -43.02 -12.86
N ALA E 113 1.68 -42.13 -12.30
CA ALA E 113 3.07 -42.00 -12.70
C ALA E 113 3.88 -43.27 -12.45
N VAL E 114 4.69 -43.64 -13.44
CA VAL E 114 5.76 -44.61 -13.23
C VAL E 114 7.09 -43.86 -13.18
N LEU E 115 7.49 -43.25 -14.30
CA LEU E 115 8.71 -42.47 -14.33
C LEU E 115 8.47 -40.96 -14.31
N GLU E 116 7.26 -40.52 -14.65
CA GLU E 116 6.97 -39.09 -14.75
C GLU E 116 6.34 -38.62 -13.44
N LEU E 117 7.21 -38.57 -12.43
CA LEU E 117 6.76 -38.35 -11.07
C LEU E 117 6.18 -36.95 -10.89
N GLU E 118 5.16 -36.87 -10.03
CA GLU E 118 4.60 -35.61 -9.57
C GLU E 118 4.77 -35.54 -8.05
N LEU E 119 5.36 -34.44 -7.58
CA LEU E 119 5.70 -34.24 -6.18
C LEU E 119 4.94 -33.07 -5.56
N VAL E 120 4.65 -33.21 -4.26
CA VAL E 120 4.38 -32.07 -3.39
C VAL E 120 5.55 -31.96 -2.42
N MET E 121 6.12 -30.76 -2.33
CA MET E 121 7.33 -30.50 -1.54
C MET E 121 7.03 -29.51 -0.42
N GLY E 122 7.51 -29.81 0.78
CA GLY E 122 7.47 -28.86 1.87
C GLY E 122 8.87 -28.67 2.42
N MET E 123 9.57 -27.66 1.93
CA MET E 123 10.98 -27.53 2.26
C MET E 123 11.27 -26.08 2.59
N THR E 124 12.36 -25.88 3.33
CA THR E 124 12.76 -24.55 3.76
C THR E 124 14.23 -24.35 3.43
N PHE E 125 14.54 -23.20 2.85
CA PHE E 125 15.91 -22.83 2.52
C PHE E 125 16.45 -21.99 3.65
N VAL E 126 17.58 -22.40 4.21
CA VAL E 126 18.28 -21.62 5.22
C VAL E 126 19.62 -21.24 4.64
N PHE E 127 19.86 -19.95 4.54
CA PHE E 127 21.10 -19.46 3.98
C PHE E 127 22.11 -19.19 5.09
N THR E 128 23.36 -19.55 4.82
CA THR E 128 24.45 -19.38 5.77
C THR E 128 25.38 -18.26 5.33
N GLY E 129 24.99 -17.53 4.27
CA GLY E 129 25.86 -16.68 3.49
C GLY E 129 26.02 -15.25 3.97
N GLY E 130 25.68 -14.28 3.15
CA GLY E 130 26.12 -12.94 3.45
C GLY E 130 25.10 -12.17 4.23
N LYS E 131 24.45 -11.20 3.57
CA LYS E 131 23.31 -10.47 4.14
C LYS E 131 22.28 -11.38 4.78
N TYR E 132 22.11 -12.58 4.24
CA TYR E 132 20.96 -13.39 4.55
C TYR E 132 21.31 -14.57 5.44
N ASN E 133 22.56 -14.64 5.89
CA ASN E 133 22.98 -15.62 6.88
C ASN E 133 22.02 -15.60 8.05
N GLY E 134 21.43 -16.76 8.35
CA GLY E 134 20.39 -16.86 9.35
C GLY E 134 18.98 -16.67 8.84
N SER E 135 18.79 -16.22 7.61
CA SER E 135 17.42 -16.05 7.14
C SER E 135 16.94 -17.32 6.44
N THR E 136 15.62 -17.47 6.40
CA THR E 136 15.00 -18.66 5.82
C THR E 136 13.85 -18.26 4.91
N LEU E 137 13.58 -19.15 3.95
CA LEU E 137 12.37 -19.10 3.12
C LEU E 137 11.72 -20.47 3.18
N SER E 138 10.40 -20.50 3.28
CA SER E 138 9.65 -21.75 3.28
C SER E 138 8.86 -21.88 1.98
N VAL E 139 8.71 -23.12 1.51
CA VAL E 139 8.07 -23.41 0.23
C VAL E 139 7.17 -24.62 0.39
N LEU E 140 5.93 -24.53 -0.11
CA LEU E 140 5.10 -25.71 -0.31
C LEU E 140 4.41 -25.57 -1.66
N GLY E 141 4.67 -26.52 -2.55
CA GLY E 141 4.17 -26.38 -3.91
C GLY E 141 4.24 -27.68 -4.65
N ARG E 142 4.13 -27.58 -5.98
CA ARG E 142 4.08 -28.80 -6.82
C ARG E 142 5.32 -28.87 -7.72
N ASN E 143 5.71 -30.08 -8.08
CA ASN E 143 6.92 -30.32 -8.88
C ASN E 143 6.67 -31.47 -9.85
N GLU E 144 6.28 -31.13 -11.09
CA GLU E 144 6.20 -32.09 -12.19
C GLU E 144 7.61 -32.32 -12.72
N ILE E 145 8.13 -33.54 -12.57
CA ILE E 145 9.56 -33.68 -12.86
C ILE E 145 9.88 -33.72 -14.34
N ILE E 146 8.88 -33.83 -15.21
CA ILE E 146 9.12 -33.63 -16.64
C ILE E 146 9.31 -32.16 -16.99
N SER E 147 8.77 -31.24 -16.19
CA SER E 147 8.84 -29.82 -16.51
C SER E 147 10.29 -29.37 -16.53
N PRO E 148 10.72 -28.66 -17.58
CA PRO E 148 12.11 -28.17 -17.58
C PRO E 148 12.33 -27.07 -16.56
N ILE E 149 11.32 -26.20 -16.39
CA ILE E 149 11.33 -25.13 -15.40
C ILE E 149 10.07 -25.32 -14.54
N ARG E 150 10.27 -25.54 -13.24
CA ARG E 150 9.19 -25.76 -12.28
C ARG E 150 9.11 -24.59 -11.33
N GLU E 151 7.88 -24.17 -11.00
CA GLU E 151 7.63 -23.01 -10.17
C GLU E 151 6.90 -23.43 -8.90
N MET E 152 7.33 -22.87 -7.78
CA MET E 152 6.74 -23.10 -6.48
C MET E 152 6.68 -21.77 -5.75
N PRO E 153 5.70 -21.58 -4.85
CA PRO E 153 5.55 -20.27 -4.21
C PRO E 153 6.31 -20.16 -2.91
N ILE E 154 6.93 -18.99 -2.68
CA ILE E 154 7.53 -18.66 -1.40
C ILE E 154 6.39 -18.30 -0.46
N ILE E 155 6.15 -19.13 0.57
CA ILE E 155 4.94 -19.02 1.38
C ILE E 155 5.13 -18.17 2.62
N GLY E 156 6.37 -17.83 2.95
CA GLY E 156 6.70 -17.03 4.11
C GLY E 156 8.17 -17.15 4.39
N GLY E 157 8.65 -16.34 5.33
CA GLY E 157 10.08 -16.35 5.61
C GLY E 157 10.34 -15.74 6.97
N THR E 158 11.57 -15.93 7.45
CA THR E 158 12.03 -15.41 8.71
C THR E 158 13.31 -14.63 8.47
N GLY E 159 13.81 -13.95 9.49
CA GLY E 159 15.03 -13.19 9.23
C GLY E 159 14.75 -11.96 8.40
N GLU E 160 15.71 -11.59 7.55
CA GLU E 160 15.45 -10.52 6.60
C GLU E 160 14.25 -10.83 5.70
N PHE E 161 13.88 -12.12 5.61
CA PHE E 161 12.78 -12.55 4.77
C PHE E 161 11.46 -12.64 5.51
N ARG E 162 11.34 -11.98 6.67
CA ARG E 162 10.05 -11.85 7.33
C ARG E 162 9.03 -11.24 6.36
N PHE E 163 7.81 -11.77 6.39
CA PHE E 163 6.68 -11.26 5.62
C PHE E 163 6.84 -11.51 4.13
N ALA E 164 7.75 -12.40 3.75
CA ALA E 164 8.06 -12.62 2.34
C ALA E 164 6.86 -13.14 1.57
N ARG E 165 6.68 -12.62 0.35
CA ARG E 165 5.79 -13.15 -0.68
C ARG E 165 6.63 -13.35 -1.93
N GLY E 166 6.40 -14.44 -2.66
CA GLY E 166 7.12 -14.58 -3.90
C GLY E 166 7.03 -15.98 -4.46
N PHE E 167 7.94 -16.25 -5.40
CA PHE E 167 7.96 -17.54 -6.07
C PHE E 167 9.42 -17.92 -6.32
N LEU E 168 9.58 -19.00 -7.06
CA LEU E 168 10.80 -19.79 -7.12
C LEU E 168 10.74 -20.62 -8.40
N GLN E 169 11.89 -20.81 -9.05
CA GLN E 169 11.92 -21.55 -10.31
C GLN E 169 13.10 -22.51 -10.34
N ALA E 170 12.80 -23.80 -10.41
CA ALA E 170 13.80 -24.87 -10.44
C ALA E 170 13.97 -25.41 -11.85
N LYS E 171 15.21 -25.48 -12.32
CA LYS E 171 15.54 -25.84 -13.70
C LYS E 171 16.47 -27.04 -13.75
N SER E 172 16.05 -28.08 -14.51
CA SER E 172 16.82 -29.34 -14.66
C SER E 172 16.07 -30.28 -15.62
N HIS E 173 16.76 -31.01 -16.51
CA HIS E 173 16.09 -32.01 -17.34
C HIS E 173 16.22 -33.40 -16.71
N ALA E 174 15.59 -34.40 -17.33
CA ALA E 174 15.72 -35.78 -16.88
C ALA E 174 16.22 -36.67 -18.01
N ASP E 181 22.20 -38.85 -9.05
CA ASP E 181 23.14 -37.88 -8.47
C ASP E 181 23.36 -36.64 -9.38
N ALA E 182 22.81 -35.49 -8.99
CA ALA E 182 22.66 -34.34 -9.88
C ALA E 182 22.62 -33.05 -9.07
N HIS E 183 22.25 -31.95 -9.75
CA HIS E 183 22.01 -30.67 -9.11
C HIS E 183 20.96 -29.89 -9.91
N VAL E 184 20.46 -28.81 -9.30
CA VAL E 184 19.28 -28.10 -9.80
C VAL E 184 19.45 -26.60 -9.58
N GLU E 185 19.11 -25.81 -10.59
CA GLU E 185 19.31 -24.37 -10.56
C GLU E 185 18.07 -23.68 -10.02
N TYR E 186 18.24 -22.91 -8.95
CA TYR E 186 17.13 -22.18 -8.33
C TYR E 186 17.29 -20.69 -8.63
N ASN E 187 16.18 -20.07 -9.03
CA ASN E 187 16.09 -18.62 -9.10
C ASN E 187 14.89 -18.21 -8.27
N VAL E 188 15.12 -17.44 -7.22
CA VAL E 188 14.06 -17.04 -6.31
C VAL E 188 13.80 -15.55 -6.45
N TYR E 189 12.52 -15.19 -6.44
CA TYR E 189 12.08 -13.79 -6.54
C TYR E 189 11.16 -13.54 -5.36
N VAL E 190 11.60 -12.75 -4.38
CA VAL E 190 10.91 -12.67 -3.10
C VAL E 190 10.85 -11.22 -2.67
N PHE E 191 9.64 -10.70 -2.47
CA PHE E 191 9.44 -9.40 -1.83
C PHE E 191 9.60 -9.52 -0.32
N HIS E 192 10.25 -8.54 0.29
CA HIS E 192 10.36 -8.49 1.74
C HIS E 192 10.73 -7.07 2.14
N TYR E 193 11.30 -6.91 3.34
CA TYR E 193 11.65 -5.56 3.83
C TYR E 193 13.12 -5.41 4.22
N THR F 25 -6.44 17.97 22.57
CA THR F 25 -7.83 17.56 22.75
C THR F 25 -8.81 18.27 21.80
N TYR F 26 -8.29 18.99 20.81
CA TYR F 26 -9.08 19.39 19.65
C TYR F 26 -8.92 18.43 18.49
N TYR F 27 -8.17 17.33 18.71
CA TYR F 27 -7.81 16.36 17.69
C TYR F 27 -7.81 14.99 18.32
N GLN F 28 -8.14 13.98 17.52
CA GLN F 28 -8.14 12.63 18.06
C GLN F 28 -7.88 11.64 16.93
N ASP F 29 -7.13 10.58 17.24
CA ASP F 29 -6.77 9.59 16.24
C ASP F 29 -7.86 8.53 16.17
N ILE F 30 -8.32 8.25 14.96
CA ILE F 30 -9.51 7.48 14.66
C ILE F 30 -9.14 6.28 13.81
N SER F 31 -10.00 5.24 13.83
CA SER F 31 -9.51 4.18 12.95
C SER F 31 -10.11 4.30 11.55
N PRO F 32 -9.34 3.92 10.55
CA PRO F 32 -9.78 4.04 9.15
C PRO F 32 -11.14 3.41 8.85
N SER F 33 -11.63 2.52 9.70
CA SER F 33 -12.97 1.96 9.47
C SER F 33 -14.06 3.00 9.65
N PHE F 34 -13.77 4.11 10.35
CA PHE F 34 -14.76 5.17 10.44
C PHE F 34 -15.15 5.67 9.07
N LEU F 35 -14.22 5.56 8.11
CA LEU F 35 -14.46 5.88 6.72
C LEU F 35 -14.53 4.62 5.86
N GLY F 36 -14.75 3.47 6.49
CA GLY F 36 -14.97 2.24 5.74
C GLY F 36 -13.75 1.64 5.08
N PHE F 37 -12.56 1.87 5.64
CA PHE F 37 -11.34 1.25 5.16
C PHE F 37 -10.98 0.08 6.07
N LYS F 38 -10.41 -0.96 5.47
CA LYS F 38 -10.04 -2.18 6.19
C LYS F 38 -8.54 -2.14 6.44
N GLN F 39 -8.14 -1.45 7.50
CA GLN F 39 -6.72 -1.32 7.76
C GLN F 39 -6.15 -2.57 8.39
N GLU F 40 -4.91 -2.84 8.05
CA GLU F 40 -4.19 -3.99 8.55
C GLU F 40 -3.63 -3.69 9.94
N LYS F 41 -3.77 -4.67 10.84
CA LYS F 41 -3.35 -4.52 12.23
C LYS F 41 -2.23 -5.52 12.50
N LEU F 42 -1.33 -5.16 13.41
CA LEU F 42 -0.24 -6.05 13.85
C LEU F 42 -0.59 -6.57 15.24
N THR F 43 -0.63 -7.88 15.38
CA THR F 43 -1.08 -8.49 16.62
C THR F 43 0.03 -9.32 17.21
N HIS F 44 0.24 -9.16 18.52
CA HIS F 44 1.23 -9.91 19.29
C HIS F 44 0.52 -10.94 20.12
N ILE F 45 0.77 -12.22 19.85
CA ILE F 45 0.20 -13.32 20.61
C ILE F 45 1.30 -13.96 21.45
N HIS F 46 0.98 -14.25 22.71
CA HIS F 46 1.91 -14.84 23.65
C HIS F 46 1.31 -16.11 24.22
N PHE F 47 2.04 -17.23 24.14
CA PHE F 47 1.53 -18.46 24.74
C PHE F 47 2.65 -19.47 24.91
N PHE F 48 2.32 -20.55 25.62
CA PHE F 48 3.25 -21.64 25.86
C PHE F 48 2.72 -22.93 25.26
N LEU F 49 3.55 -23.59 24.46
CA LEU F 49 3.25 -24.86 23.83
C LEU F 49 3.81 -25.99 24.67
N HIS F 50 2.98 -26.98 25.00
CA HIS F 50 3.36 -28.01 25.95
C HIS F 50 3.68 -29.31 25.22
N ASP F 51 4.89 -29.81 25.44
CA ASP F 51 5.44 -30.84 24.58
C ASP F 51 5.51 -32.21 25.24
N ILE F 52 4.36 -32.74 25.66
CA ILE F 52 4.33 -33.84 26.63
C ILE F 52 4.79 -35.14 25.97
N VAL F 53 5.79 -35.79 26.59
CA VAL F 53 6.21 -37.13 26.19
C VAL F 53 5.96 -38.16 27.28
N THR F 54 6.25 -37.82 28.53
CA THR F 54 5.98 -38.71 29.64
C THR F 54 4.49 -38.78 29.93
N GLY F 55 4.02 -39.97 30.29
CA GLY F 55 2.70 -40.11 30.87
C GLY F 55 1.77 -41.04 30.12
N PRO F 56 0.51 -41.06 30.58
CA PRO F 56 -0.47 -42.03 30.06
C PRO F 56 -0.95 -41.72 28.65
N LYS F 57 -1.10 -40.45 28.29
CA LYS F 57 -1.29 -40.15 26.88
C LYS F 57 -0.47 -38.91 26.53
N PRO F 58 0.64 -39.07 25.80
CA PRO F 58 1.48 -37.92 25.48
C PRO F 58 0.85 -37.08 24.38
N THR F 59 1.54 -36.05 23.90
CA THR F 59 1.00 -35.20 22.85
C THR F 59 1.63 -35.40 21.48
N MET F 60 2.76 -36.11 21.38
CA MET F 60 3.34 -36.43 20.09
C MET F 60 3.63 -37.90 19.97
N ILE F 61 3.23 -38.49 18.84
CA ILE F 61 3.54 -39.91 18.55
C ILE F 61 4.53 -39.94 17.37
N ILE F 62 5.33 -40.99 17.24
CA ILE F 62 6.21 -41.14 16.06
C ILE F 62 5.40 -41.86 15.00
N ALA F 63 5.00 -41.16 13.94
CA ALA F 63 4.13 -41.74 12.90
C ALA F 63 4.93 -42.61 11.94
N SER F 64 6.23 -42.39 11.83
CA SER F 64 7.10 -43.16 10.91
C SER F 64 8.55 -42.94 11.30
N GLU F 65 9.17 -43.94 11.92
CA GLU F 65 10.62 -43.79 12.22
C GLU F 65 11.39 -44.01 10.92
N SER F 66 12.68 -43.67 10.94
CA SER F 66 13.48 -43.75 9.69
C SER F 66 13.94 -45.17 9.42
N PRO F 67 14.26 -45.51 8.16
CA PRO F 67 14.82 -46.82 7.86
C PRO F 67 16.28 -46.89 8.35
N LEU F 68 16.66 -45.99 9.27
CA LEU F 68 18.05 -45.99 9.80
C LEU F 68 18.03 -45.91 11.33
N ASN F 69 16.96 -46.42 11.95
CA ASN F 69 16.84 -46.41 13.43
C ASN F 69 18.12 -46.90 14.12
N GLY F 70 18.30 -48.21 14.25
CA GLY F 70 19.47 -48.74 14.97
C GLY F 70 20.78 -48.27 14.38
N LYS F 71 20.89 -48.24 13.05
CA LYS F 71 22.12 -47.77 12.36
C LYS F 71 22.35 -46.29 12.66
N SER F 72 21.59 -45.74 13.60
CA SER F 72 21.75 -44.32 13.98
C SER F 72 21.87 -44.19 15.49
N GLU F 73 22.91 -43.50 15.97
CA GLU F 73 23.02 -43.22 17.41
C GLU F 73 22.13 -41.99 17.63
N SER F 74 20.81 -42.19 17.55
CA SER F 74 19.89 -41.04 17.61
C SER F 74 18.49 -41.47 18.04
N PRO F 75 17.83 -40.80 18.99
CA PRO F 75 16.42 -41.09 19.28
C PRO F 75 15.50 -40.82 18.10
N LEU F 76 15.84 -39.85 17.25
CA LEU F 76 15.07 -39.51 16.05
C LEU F 76 16.02 -39.45 14.87
N PRO F 77 16.23 -40.56 14.18
CA PRO F 77 17.08 -40.55 12.99
C PRO F 77 16.52 -39.63 11.91
N PHE F 78 17.42 -39.17 11.05
CA PHE F 78 17.08 -38.51 9.80
C PHE F 78 15.87 -39.17 9.16
N GLY F 79 14.82 -38.40 8.92
CA GLY F 79 13.65 -38.90 8.25
C GLY F 79 12.53 -39.36 9.16
N SER F 80 12.66 -39.19 10.47
CA SER F 80 11.55 -39.52 11.34
C SER F 80 10.44 -38.53 11.11
N ILE F 81 9.20 -39.00 11.24
CA ILE F 81 8.02 -38.14 11.18
C ILE F 81 7.30 -38.24 12.51
N VAL F 82 6.93 -37.10 13.08
CA VAL F 82 6.23 -37.04 14.35
C VAL F 82 4.95 -36.25 14.13
N VAL F 83 3.83 -36.74 14.65
CA VAL F 83 2.55 -36.03 14.60
C VAL F 83 2.25 -35.52 16.01
N LEU F 84 1.64 -34.35 16.09
CA LEU F 84 1.52 -33.68 17.39
C LEU F 84 0.19 -32.95 17.54
N GLU F 85 -0.33 -32.98 18.77
CA GLU F 85 -1.49 -32.21 19.23
C GLU F 85 -1.08 -31.57 20.55
N ASP F 86 -0.59 -30.34 20.51
CA ASP F 86 -0.05 -29.81 21.76
C ASP F 86 -0.96 -28.72 22.31
N PRO F 87 -1.20 -28.69 23.63
CA PRO F 87 -2.02 -27.61 24.21
C PRO F 87 -1.22 -26.32 24.33
N LEU F 88 -1.91 -25.21 24.07
CA LEU F 88 -1.33 -23.87 24.19
C LEU F 88 -1.97 -23.20 25.39
N THR F 89 -1.15 -22.77 26.36
CA THR F 89 -1.64 -22.18 27.60
C THR F 89 -1.10 -20.78 27.80
N VAL F 90 -1.80 -20.01 28.65
CA VAL F 90 -1.44 -18.62 28.89
C VAL F 90 -0.08 -18.52 29.59
N GLY F 91 0.16 -19.40 30.54
CA GLY F 91 1.40 -19.36 31.28
C GLY F 91 2.19 -20.62 31.05
N PRO F 92 3.33 -20.80 31.74
CA PRO F 92 4.21 -21.93 31.48
C PRO F 92 3.73 -23.21 32.16
N GLU F 93 2.71 -23.12 33.01
CA GLU F 93 2.24 -24.30 33.77
C GLU F 93 1.05 -24.93 33.03
N LEU F 94 1.15 -26.22 32.73
CA LEU F 94 0.07 -26.89 31.97
C LEU F 94 -1.29 -26.53 32.57
N ASN F 95 -1.33 -26.16 33.85
CA ASN F 95 -2.65 -25.87 34.39
C ASN F 95 -3.18 -24.50 33.99
N SER F 96 -2.31 -23.60 33.52
CA SER F 96 -2.76 -22.24 33.24
C SER F 96 -3.86 -22.25 32.17
N GLU F 97 -4.49 -21.09 32.00
CA GLU F 97 -5.61 -20.97 31.06
C GLU F 97 -5.24 -21.55 29.70
N LEU F 98 -6.12 -22.36 29.16
CA LEU F 98 -5.90 -22.97 27.86
C LEU F 98 -6.54 -22.09 26.80
N ILE F 99 -5.75 -21.71 25.80
CA ILE F 99 -6.21 -20.79 24.77
C ILE F 99 -6.20 -21.39 23.38
N GLY F 100 -5.57 -22.54 23.18
CA GLY F 100 -5.53 -23.11 21.85
C GLY F 100 -4.76 -24.41 21.86
N LYS F 101 -4.64 -24.98 20.66
CA LYS F 101 -3.79 -26.14 20.51
C LYS F 101 -3.04 -26.04 19.18
N ALA F 102 -1.79 -26.51 19.20
CA ALA F 102 -0.97 -26.67 18.00
C ALA F 102 -1.14 -28.08 17.45
N GLN F 103 -1.49 -28.18 16.18
CA GLN F 103 -1.63 -29.48 15.56
C GLN F 103 -0.83 -29.55 14.28
N GLY F 104 -0.29 -30.72 13.99
CA GLY F 104 0.48 -30.89 12.78
C GLY F 104 1.49 -32.01 12.89
N PHE F 105 2.66 -31.79 12.28
CA PHE F 105 3.67 -32.82 12.12
C PHE F 105 5.01 -32.12 11.99
N TYR F 106 6.09 -32.88 12.16
CA TYR F 106 7.39 -32.34 11.83
C TYR F 106 8.29 -33.51 11.45
N VAL F 107 9.36 -33.18 10.73
CA VAL F 107 10.22 -34.17 10.12
C VAL F 107 11.66 -33.86 10.49
N THR F 108 12.37 -34.85 11.00
CA THR F 108 13.79 -34.71 11.30
C THR F 108 14.59 -34.59 10.02
N VAL F 109 15.31 -33.48 9.87
CA VAL F 109 16.00 -33.19 8.57
C VAL F 109 17.51 -33.07 8.82
N SER F 110 17.99 -33.55 9.95
CA SER F 110 19.44 -33.53 10.26
C SER F 110 19.94 -34.96 10.36
N GLN F 111 21.13 -35.23 9.82
CA GLN F 111 21.72 -36.59 9.92
C GLN F 111 22.82 -36.61 10.98
N ALA F 112 22.90 -37.67 11.77
CA ALA F 112 23.99 -37.85 12.76
C ALA F 112 23.93 -36.86 13.91
N ALA F 113 25.01 -36.78 14.70
CA ALA F 113 25.09 -35.83 15.82
C ALA F 113 24.02 -36.14 16.87
N VAL F 114 22.79 -35.69 16.64
CA VAL F 114 21.64 -35.94 17.58
C VAL F 114 21.80 -35.16 18.89
N LEU F 115 20.68 -34.79 19.53
CA LEU F 115 20.68 -33.86 20.70
C LEU F 115 20.71 -32.49 20.04
N GLU F 116 21.18 -32.47 18.79
CA GLU F 116 21.24 -31.23 18.01
C GLU F 116 20.32 -31.49 16.83
N LEU F 117 19.08 -31.88 17.12
CA LEU F 117 18.13 -32.26 16.05
C LEU F 117 17.58 -31.02 15.36
N GLU F 118 17.46 -31.07 14.05
CA GLU F 118 16.86 -29.94 13.30
C GLU F 118 15.55 -30.47 12.70
N LEU F 119 14.48 -29.68 12.74
CA LEU F 119 13.18 -30.21 12.28
C LEU F 119 12.43 -29.23 11.37
N VAL F 120 11.81 -29.72 10.29
CA VAL F 120 10.89 -28.91 9.52
C VAL F 120 9.50 -29.24 10.00
N MET F 121 8.74 -28.22 10.39
CA MET F 121 7.44 -28.40 11.01
C MET F 121 6.35 -27.84 10.11
N GLY F 122 5.27 -28.61 9.95
CA GLY F 122 4.04 -28.10 9.40
C GLY F 122 3.00 -28.22 10.49
N MET F 123 2.59 -27.11 11.08
CA MET F 123 1.57 -27.16 12.12
C MET F 123 0.58 -26.03 11.90
N THR F 124 -0.60 -26.17 12.49
CA THR F 124 -1.52 -25.05 12.61
C THR F 124 -1.86 -24.81 14.07
N PHE F 125 -2.13 -23.54 14.38
CA PHE F 125 -2.56 -23.11 15.70
C PHE F 125 -4.04 -22.81 15.59
N VAL F 126 -4.86 -23.50 16.38
CA VAL F 126 -6.27 -23.17 16.50
C VAL F 126 -6.49 -22.61 17.89
N PHE F 127 -7.17 -21.47 17.96
CA PHE F 127 -7.37 -20.73 19.20
C PHE F 127 -8.80 -20.89 19.68
N THR F 128 -8.96 -21.25 20.94
CA THR F 128 -10.22 -21.08 21.65
C THR F 128 -10.16 -19.80 22.48
N GLY F 129 -11.32 -19.43 23.03
CA GLY F 129 -11.37 -18.41 24.07
C GLY F 129 -10.70 -17.07 23.78
N GLY F 130 -11.48 -16.13 23.29
CA GLY F 130 -10.94 -14.81 23.05
C GLY F 130 -11.60 -14.24 21.81
N LYS F 131 -11.15 -13.04 21.44
CA LYS F 131 -11.62 -12.48 20.17
C LYS F 131 -11.10 -13.27 18.99
N TYR F 132 -10.10 -14.14 19.22
CA TYR F 132 -9.60 -15.07 18.20
C TYR F 132 -10.10 -16.48 18.43
N ASN F 133 -11.30 -16.61 18.98
CA ASN F 133 -11.90 -17.94 19.18
C ASN F 133 -12.15 -18.53 17.80
N GLY F 134 -11.85 -19.80 17.64
CA GLY F 134 -11.98 -20.45 16.35
C GLY F 134 -11.07 -20.00 15.22
N SER F 135 -10.21 -19.01 15.43
CA SER F 135 -9.33 -18.55 14.37
C SER F 135 -8.06 -19.40 14.37
N THR F 136 -7.43 -19.51 13.20
CA THR F 136 -6.24 -20.35 13.07
C THR F 136 -5.09 -19.56 12.46
N LEU F 137 -3.90 -20.15 12.60
CA LEU F 137 -2.69 -19.69 11.94
C LEU F 137 -1.96 -20.92 11.42
N SER F 138 -1.16 -20.74 10.37
CA SER F 138 -0.42 -21.88 9.81
C SER F 138 1.07 -21.54 9.78
N VAL F 139 1.89 -22.55 10.08
CA VAL F 139 3.34 -22.39 10.17
C VAL F 139 3.98 -23.54 9.40
N LEU F 140 4.94 -23.20 8.53
CA LEU F 140 5.82 -24.22 7.94
C LEU F 140 7.23 -23.64 7.90
N GLY F 141 8.16 -24.30 8.57
CA GLY F 141 9.47 -23.71 8.72
C GLY F 141 10.41 -24.64 9.47
N ARG F 142 11.58 -24.11 9.81
CA ARG F 142 12.72 -24.89 10.23
C ARG F 142 13.07 -24.60 11.69
N ASN F 143 13.16 -25.67 12.48
CA ASN F 143 13.38 -25.56 13.91
C ASN F 143 14.70 -26.24 14.22
N GLU F 144 15.73 -25.45 14.51
CA GLU F 144 16.96 -26.02 15.10
C GLU F 144 16.80 -25.99 16.62
N ILE F 145 16.47 -27.15 17.21
CA ILE F 145 16.06 -27.23 18.61
C ILE F 145 17.16 -26.73 19.54
N ILE F 146 18.43 -26.89 19.15
CA ILE F 146 19.54 -26.37 19.96
C ILE F 146 19.32 -24.91 20.28
N SER F 147 19.08 -24.11 19.24
CA SER F 147 19.14 -22.66 19.27
C SER F 147 18.37 -22.09 20.46
N PRO F 148 18.85 -21.00 21.03
CA PRO F 148 18.10 -20.37 22.12
C PRO F 148 16.76 -19.81 21.63
N ILE F 149 16.80 -19.11 20.50
CA ILE F 149 15.63 -18.53 19.86
C ILE F 149 15.44 -19.19 18.51
N ARG F 150 14.20 -19.58 18.18
CA ARG F 150 13.91 -20.21 16.91
C ARG F 150 12.76 -19.48 16.22
N GLU F 151 12.96 -19.15 14.95
CA GLU F 151 12.03 -18.32 14.19
C GLU F 151 11.37 -19.12 13.08
N MET F 152 10.07 -18.92 12.91
CA MET F 152 9.33 -19.66 11.92
C MET F 152 8.28 -18.76 11.28
N PRO F 153 7.98 -18.98 10.01
CA PRO F 153 7.08 -18.06 9.30
C PRO F 153 5.63 -18.44 9.49
N ILE F 154 4.80 -17.42 9.66
CA ILE F 154 3.36 -17.59 9.68
C ILE F 154 2.91 -17.47 8.24
N ILE F 155 2.44 -18.58 7.67
CA ILE F 155 2.30 -18.64 6.21
C ILE F 155 0.89 -18.29 5.76
N GLY F 156 -0.08 -18.31 6.68
CA GLY F 156 -1.43 -17.94 6.36
C GLY F 156 -2.26 -18.14 7.61
N GLY F 157 -3.53 -17.79 7.51
CA GLY F 157 -4.41 -17.91 8.67
C GLY F 157 -5.84 -17.76 8.22
N THR F 158 -6.76 -18.11 9.13
CA THR F 158 -8.20 -18.13 8.86
C THR F 158 -8.98 -17.46 9.99
N GLY F 159 -10.21 -17.08 9.67
CA GLY F 159 -11.04 -16.45 10.67
C GLY F 159 -10.62 -15.00 10.73
N GLU F 160 -10.23 -14.54 11.92
CA GLU F 160 -9.72 -13.18 11.99
C GLU F 160 -8.30 -13.04 11.46
N PHE F 161 -7.63 -14.15 11.15
CA PHE F 161 -6.28 -14.10 10.63
C PHE F 161 -6.21 -14.40 9.13
N ARG F 162 -7.32 -14.27 8.42
CA ARG F 162 -7.26 -14.32 6.96
C ARG F 162 -6.17 -13.37 6.47
N PHE F 163 -5.37 -13.84 5.51
CA PHE F 163 -4.32 -13.03 4.89
C PHE F 163 -3.19 -12.73 5.88
N ALA F 164 -2.96 -13.60 6.85
CA ALA F 164 -1.93 -13.34 7.84
C ALA F 164 -0.54 -13.45 7.23
N ARG F 165 0.27 -12.42 7.46
CA ARG F 165 1.68 -12.43 7.06
CA ARG F 165 1.70 -12.44 7.05
C ARG F 165 2.52 -12.07 8.31
N GLY F 166 3.23 -13.05 8.81
CA GLY F 166 3.96 -12.79 10.04
C GLY F 166 5.05 -13.80 10.30
N PHE F 167 5.45 -13.89 11.57
CA PHE F 167 6.45 -14.86 12.02
C PHE F 167 6.23 -15.11 13.51
N LEU F 168 6.83 -16.18 14.01
CA LEU F 168 6.81 -16.49 15.43
C LEU F 168 8.23 -16.72 15.89
N GLN F 169 8.45 -16.61 17.19
CA GLN F 169 9.79 -16.90 17.76
C GLN F 169 9.60 -17.79 18.99
N ALA F 170 10.15 -19.00 18.96
CA ALA F 170 10.02 -19.95 20.08
C ALA F 170 11.28 -19.94 20.93
N LYS F 171 11.11 -19.81 22.24
CA LYS F 171 12.28 -19.79 23.16
C LYS F 171 12.29 -21.10 23.96
N SER F 172 13.32 -21.90 23.77
CA SER F 172 13.47 -23.18 24.52
C SER F 172 13.63 -22.86 26.00
N HIS F 173 12.64 -23.22 26.81
CA HIS F 173 12.69 -22.91 28.26
C HIS F 173 13.83 -23.69 28.91
N ASP F 181 8.33 -34.44 28.36
CA ASP F 181 7.83 -33.19 28.90
C ASP F 181 8.70 -31.97 28.57
N ALA F 182 8.04 -30.87 28.18
CA ALA F 182 8.68 -29.61 27.82
C ALA F 182 7.60 -28.53 27.73
N HIS F 183 8.02 -27.29 27.76
CA HIS F 183 7.08 -26.20 27.55
C HIS F 183 7.82 -25.00 26.99
N VAL F 184 7.61 -24.76 25.70
CA VAL F 184 8.36 -23.78 24.92
C VAL F 184 7.57 -22.49 24.85
N GLU F 185 8.22 -21.37 25.13
CA GLU F 185 7.57 -20.08 25.03
C GLU F 185 7.46 -19.68 23.56
N TYR F 186 6.24 -19.30 23.14
CA TYR F 186 5.99 -18.82 21.78
C TYR F 186 5.61 -17.34 21.80
N ASN F 187 6.18 -16.57 20.88
CA ASN F 187 5.83 -15.17 20.70
C ASN F 187 5.53 -14.95 19.23
N VAL F 188 4.30 -14.56 18.94
CA VAL F 188 3.73 -14.60 17.60
C VAL F 188 3.41 -13.19 17.14
N TYR F 189 3.85 -12.82 15.93
CA TYR F 189 3.73 -11.46 15.43
C TYR F 189 3.08 -11.48 14.05
N VAL F 190 1.79 -11.11 13.98
CA VAL F 190 0.94 -11.36 12.82
C VAL F 190 0.31 -10.07 12.35
N PHE F 191 0.49 -9.76 11.06
CA PHE F 191 -0.28 -8.74 10.37
C PHE F 191 -1.56 -9.37 9.82
N HIS F 192 -2.68 -8.67 9.95
CA HIS F 192 -3.97 -9.15 9.44
C HIS F 192 -4.95 -8.00 9.45
N TYR F 193 -6.20 -8.28 9.04
CA TYR F 193 -7.19 -7.21 8.86
C TYR F 193 -8.29 -7.16 9.91
#